data_4Y87
#
_entry.id   4Y87
#
_cell.length_a   105.436
_cell.length_b   105.436
_cell.length_c   270.056
_cell.angle_alpha   90.00
_cell.angle_beta   90.00
_cell.angle_gamma   90.00
#
_symmetry.space_group_name_H-M   'P 41 21 2'
#
loop_
_entity.id
_entity.type
_entity.pdbx_description
1 polymer "High affinity cGMP-specific 3',5'-cyclic phosphodiesterase 9A"
2 non-polymer 6-{[(1R)-1-(4-chlorophenyl)ethyl]amino}-1-cyclopentyl-1,5-dihydro-4H-pyrazolo[3,4-d]pyrimidin-4-one
3 non-polymer 'ZINC ION'
4 non-polymer 'MAGNESIUM ION'
5 water water
#
_entity_poly.entity_id   1
_entity_poly.type   'polypeptide(L)'
_entity_poly.pdbx_seq_one_letter_code
;MGSGSSSYRPKAIYLDIDGRIQKVIFSKYCNSSDIMDLFCIATGLPRNTTISLLTTDDAMVSIDPTMPANSERTPYKVRP
VAIKQLSEREELIQSVLAQVAEQFSRAFKINELKAEVANHLAVLEKRVELEGLKVVEIEKCKSDIKKMREELAARSSRTN
CPCKYSFLDNHKKLTPRRDVPTYPKYLLSPETIEALRKPTFDVWLWEPNEMLSCLEHMYHDLGLVRDFSINPVTLRRWLF
CVHDNYRNNPFHNFRHCFCVAQMMYSMVWLCSLQEKFSQTDILILMTAAICHDLDHPGYNNTYQINARTELAVRYNDISP
LENHHCAVAFQILAEPECNIFSNIPPDGFKQIRQGMITLILATDMARHAEIMDSFKEKMENFDYSNEEHMTLLKMILIKC
CDISNEVRPMEVAEPWVDCLLEEYFMQSDREKSEGLPVAPFMDRDKVTKATAQIGFIKFVLIPMFETVTKLFPMVEEIML
QPLWESRDRYEELKRIDDAMKELQKKTDSLTSGATEKSRERSRDVKNSEGDCA
;
_entity_poly.pdbx_strand_id   A,B
#
loop_
_chem_comp.id
_chem_comp.type
_chem_comp.name
_chem_comp.formula
49E non-polymer 6-{[(1R)-1-(4-chlorophenyl)ethyl]amino}-1-cyclopentyl-1,5-dihydro-4H-pyrazolo[3,4-d]pyrimidin-4-one 'C18 H20 Cl N5 O'
MG non-polymer 'MAGNESIUM ION' 'Mg 2'
ZN non-polymer 'ZINC ION' 'Zn 2'
#
# COMPACT_ATOMS: atom_id res chain seq x y z
N LYS A 185 -10.18 -34.47 -26.35
CA LYS A 185 -9.70 -33.08 -26.06
C LYS A 185 -10.10 -32.69 -24.67
N TYR A 186 -11.40 -32.73 -24.43
CA TYR A 186 -11.97 -32.30 -23.15
C TYR A 186 -11.32 -33.03 -21.97
N LEU A 187 -11.08 -34.32 -22.12
CA LEU A 187 -10.51 -35.16 -21.07
C LEU A 187 -9.00 -35.30 -21.25
N LEU A 188 -8.28 -35.29 -20.15
CA LEU A 188 -6.81 -35.35 -20.16
C LEU A 188 -6.33 -36.79 -20.20
N SER A 189 -5.34 -37.09 -21.04
CA SER A 189 -4.79 -38.43 -21.09
C SER A 189 -3.90 -38.63 -19.87
N PRO A 190 -3.75 -39.89 -19.40
CA PRO A 190 -2.89 -40.14 -18.25
C PRO A 190 -1.42 -39.80 -18.49
N GLU A 191 -1.01 -39.75 -19.75
CA GLU A 191 0.30 -39.21 -20.15
C GLU A 191 0.41 -37.75 -19.70
N THR A 192 -0.59 -36.96 -20.09
CA THR A 192 -0.60 -35.54 -19.78
C THR A 192 -0.57 -35.32 -18.28
N ILE A 193 -1.43 -36.03 -17.55
CA ILE A 193 -1.46 -35.94 -16.08
C ILE A 193 -0.08 -36.17 -15.51
N GLU A 194 0.63 -37.13 -16.09
CA GLU A 194 2.00 -37.47 -15.72
C GLU A 194 2.95 -36.33 -16.06
N ALA A 195 2.84 -35.83 -17.29
CA ALA A 195 3.74 -34.78 -17.82
C ALA A 195 3.64 -33.48 -17.03
N LEU A 196 2.42 -33.14 -16.61
CA LEU A 196 2.11 -31.92 -15.87
C LEU A 196 2.98 -31.75 -14.63
N ARG A 197 3.47 -32.85 -14.07
CA ARG A 197 4.26 -32.81 -12.85
C ARG A 197 5.68 -32.31 -13.03
N LYS A 198 6.10 -32.07 -14.27
CA LYS A 198 7.47 -31.68 -14.57
C LYS A 198 7.53 -30.37 -15.33
N PRO A 199 8.65 -29.64 -15.20
CA PRO A 199 8.86 -28.38 -15.92
C PRO A 199 9.00 -28.56 -17.44
N THR A 200 9.24 -29.79 -17.85
CA THR A 200 9.38 -30.13 -19.25
C THR A 200 8.06 -29.93 -20.02
N PHE A 201 6.94 -29.85 -19.29
CA PHE A 201 5.61 -29.72 -19.87
C PHE A 201 5.52 -28.67 -20.97
N ASP A 202 4.85 -29.02 -22.08
CA ASP A 202 4.68 -28.10 -23.21
C ASP A 202 3.41 -27.31 -22.98
N VAL A 203 3.58 -26.11 -22.45
CA VAL A 203 2.46 -25.21 -22.19
C VAL A 203 1.75 -24.80 -23.48
N TRP A 204 2.46 -24.82 -24.60
CA TRP A 204 1.94 -24.32 -25.86
C TRP A 204 0.90 -25.23 -26.50
N LEU A 205 0.91 -26.51 -26.17
CA LEU A 205 -0.01 -27.44 -26.79
C LEU A 205 -1.47 -27.11 -26.50
N TRP A 206 -1.77 -26.71 -25.27
CA TRP A 206 -3.14 -26.80 -24.80
C TRP A 206 -3.94 -25.53 -25.02
N GLU A 207 -5.23 -25.73 -25.30
CA GLU A 207 -6.19 -24.63 -25.37
C GLU A 207 -6.69 -24.31 -23.96
N PRO A 208 -7.39 -23.17 -23.81
CA PRO A 208 -7.86 -22.76 -22.50
C PRO A 208 -8.61 -23.83 -21.71
N ASN A 209 -9.65 -24.40 -22.30
CA ASN A 209 -10.44 -25.45 -21.63
C ASN A 209 -9.57 -26.49 -20.96
N GLU A 210 -8.58 -26.97 -21.69
CA GLU A 210 -7.73 -28.04 -21.23
C GLU A 210 -6.77 -27.58 -20.12
N MET A 211 -6.29 -26.35 -20.21
CA MET A 211 -5.47 -25.76 -19.15
C MET A 211 -6.26 -25.63 -17.86
N LEU A 212 -7.54 -25.29 -17.97
CA LEU A 212 -8.43 -25.22 -16.82
C LEU A 212 -8.63 -26.60 -16.20
N SER A 213 -8.75 -27.61 -17.06
CA SER A 213 -8.85 -28.99 -16.61
C SER A 213 -7.56 -29.44 -15.94
N CYS A 214 -6.42 -28.99 -16.48
CA CYS A 214 -5.11 -29.24 -15.86
C CYS A 214 -5.05 -28.62 -14.48
N LEU A 215 -5.37 -27.33 -14.41
CA LEU A 215 -5.31 -26.60 -13.17
C LEU A 215 -6.23 -27.24 -12.16
N GLU A 216 -7.40 -27.65 -12.63
CA GLU A 216 -8.39 -28.34 -11.80
C GLU A 216 -7.77 -29.58 -11.17
N HIS A 217 -7.09 -30.38 -11.98
CA HIS A 217 -6.44 -31.60 -11.52
C HIS A 217 -5.41 -31.32 -10.44
N MET A 218 -4.70 -30.21 -10.58
CA MET A 218 -3.67 -29.85 -9.62
C MET A 218 -4.26 -29.73 -8.22
N TYR A 219 -5.48 -29.21 -8.16
CA TYR A 219 -6.13 -29.00 -6.87
C TYR A 219 -6.56 -30.31 -6.24
N HIS A 220 -7.24 -31.18 -7.00
CA HIS A 220 -7.59 -32.51 -6.47
C HIS A 220 -6.32 -33.26 -6.07
N ASP A 221 -5.38 -33.33 -7.01
CA ASP A 221 -4.12 -34.09 -6.85
C ASP A 221 -3.24 -33.68 -5.67
N LEU A 222 -3.05 -32.38 -5.49
CA LEU A 222 -2.29 -31.89 -4.35
C LEU A 222 -3.02 -32.11 -3.03
N GLY A 223 -4.31 -32.49 -3.11
CA GLY A 223 -5.11 -32.80 -1.93
C GLY A 223 -5.76 -31.56 -1.31
N LEU A 224 -5.87 -30.51 -2.11
CA LEU A 224 -6.49 -29.28 -1.64
C LEU A 224 -8.01 -29.44 -1.63
N VAL A 225 -8.57 -30.03 -2.67
CA VAL A 225 -10.01 -30.25 -2.71
C VAL A 225 -10.43 -31.03 -1.49
N ARG A 226 -9.67 -32.08 -1.17
CA ARG A 226 -9.95 -32.87 0.02
C ARG A 226 -9.83 -32.06 1.29
N ASP A 227 -8.64 -31.52 1.54
CA ASP A 227 -8.32 -30.96 2.85
C ASP A 227 -8.96 -29.59 3.14
N PHE A 228 -9.67 -29.01 2.17
CA PHE A 228 -10.37 -27.72 2.37
C PHE A 228 -11.83 -27.77 1.95
N SER A 229 -12.34 -28.98 1.76
CA SER A 229 -13.74 -29.21 1.43
C SER A 229 -14.21 -28.29 0.32
N ILE A 230 -13.42 -28.23 -0.76
CA ILE A 230 -13.78 -27.39 -1.88
C ILE A 230 -14.88 -28.08 -2.68
N ASN A 231 -15.98 -27.39 -2.90
CA ASN A 231 -17.01 -27.89 -3.82
C ASN A 231 -16.36 -28.07 -5.19
N PRO A 232 -16.41 -29.29 -5.76
CA PRO A 232 -15.78 -29.56 -7.06
C PRO A 232 -16.30 -28.77 -8.25
N VAL A 233 -17.54 -28.31 -8.22
CA VAL A 233 -18.06 -27.47 -9.29
C VAL A 233 -17.55 -26.05 -9.11
N THR A 234 -17.57 -25.57 -7.87
CA THR A 234 -17.09 -24.23 -7.55
C THR A 234 -15.63 -24.06 -8.01
N LEU A 235 -14.80 -25.06 -7.73
CA LEU A 235 -13.43 -25.06 -8.25
C LEU A 235 -13.37 -24.86 -9.76
N ARG A 236 -14.33 -25.44 -10.49
CA ARG A 236 -14.37 -25.23 -11.94
C ARG A 236 -14.86 -23.84 -12.30
N ARG A 237 -15.96 -23.40 -11.68
CA ARG A 237 -16.50 -22.05 -11.93
C ARG A 237 -15.48 -20.96 -11.61
N TRP A 238 -14.76 -21.14 -10.49
CA TRP A 238 -13.70 -20.24 -10.05
C TRP A 238 -12.60 -20.12 -11.06
N LEU A 239 -12.14 -21.26 -11.54
CA LEU A 239 -11.09 -21.27 -12.55
C LEU A 239 -11.59 -20.61 -13.82
N PHE A 240 -12.85 -20.86 -14.20
CA PHE A 240 -13.41 -20.21 -15.38
C PHE A 240 -13.42 -18.70 -15.18
N CYS A 241 -13.81 -18.26 -13.98
CA CYS A 241 -13.86 -16.83 -13.68
C CYS A 241 -12.44 -16.24 -13.71
N VAL A 242 -11.49 -16.90 -13.05
CA VAL A 242 -10.10 -16.45 -13.08
C VAL A 242 -9.65 -16.24 -14.51
N HIS A 243 -10.08 -17.12 -15.39
CA HIS A 243 -9.76 -17.04 -16.81
C HIS A 243 -10.45 -15.84 -17.47
N ASP A 244 -11.73 -15.65 -17.18
CA ASP A 244 -12.46 -14.49 -17.66
C ASP A 244 -11.72 -13.15 -17.33
N ASN A 245 -11.05 -13.10 -16.18
CA ASN A 245 -10.39 -11.87 -15.71
C ASN A 245 -8.91 -11.69 -16.09
N TYR A 246 -8.36 -12.63 -16.86
CA TYR A 246 -7.07 -12.39 -17.51
C TYR A 246 -7.36 -11.79 -18.86
N ARG A 247 -6.48 -10.92 -19.33
CA ARG A 247 -6.66 -10.23 -20.60
C ARG A 247 -5.80 -10.87 -21.67
N ASN A 248 -6.00 -10.45 -22.92
CA ASN A 248 -5.21 -10.99 -24.02
C ASN A 248 -4.02 -10.14 -24.40
N ASN A 249 -3.17 -9.89 -23.41
CA ASN A 249 -1.89 -9.27 -23.65
C ASN A 249 -1.00 -10.33 -24.29
N PRO A 250 0.00 -9.89 -25.06
CA PRO A 250 0.85 -10.91 -25.67
C PRO A 250 1.64 -11.73 -24.65
N PHE A 251 1.93 -11.17 -23.48
CA PHE A 251 2.69 -11.87 -22.44
C PHE A 251 1.89 -12.07 -21.14
N HIS A 252 1.33 -11.00 -20.57
CA HIS A 252 0.69 -11.07 -19.25
C HIS A 252 -0.76 -11.55 -19.30
N ASN A 253 -0.88 -12.77 -19.78
CA ASN A 253 -2.15 -13.36 -20.18
C ASN A 253 -2.37 -14.63 -19.39
N PHE A 254 -3.49 -15.30 -19.67
CA PHE A 254 -3.88 -16.48 -18.93
C PHE A 254 -2.86 -17.63 -19.02
N ARG A 255 -2.21 -17.76 -20.17
CA ARG A 255 -1.22 -18.81 -20.33
C ARG A 255 -0.01 -18.56 -19.43
N HIS A 256 0.35 -17.30 -19.22
CA HIS A 256 1.41 -17.00 -18.27
C HIS A 256 0.94 -17.46 -16.91
N CYS A 257 -0.31 -17.15 -16.59
CA CYS A 257 -0.93 -17.64 -15.37
C CYS A 257 -0.81 -19.15 -15.28
N PHE A 258 -1.11 -19.85 -16.36
CA PHE A 258 -0.90 -21.30 -16.39
C PHE A 258 0.57 -21.71 -16.23
N CYS A 259 1.48 -21.04 -16.92
CA CYS A 259 2.91 -21.36 -16.80
C CYS A 259 3.42 -21.32 -15.40
N VAL A 260 3.01 -20.28 -14.68
CA VAL A 260 3.50 -20.02 -13.32
C VAL A 260 2.91 -21.03 -12.35
N ALA A 261 1.63 -21.33 -12.50
CA ALA A 261 0.95 -22.27 -11.62
C ALA A 261 1.52 -23.65 -11.84
N GLN A 262 1.53 -24.08 -13.09
CA GLN A 262 2.07 -25.38 -13.45
C GLN A 262 3.55 -25.55 -13.06
N MET A 263 4.31 -24.47 -13.09
CA MET A 263 5.69 -24.54 -12.62
C MET A 263 5.71 -24.76 -11.11
N MET A 264 4.88 -24.02 -10.38
CA MET A 264 4.77 -24.21 -8.93
C MET A 264 4.41 -25.65 -8.61
N TYR A 265 3.41 -26.16 -9.33
CA TYR A 265 3.03 -27.58 -9.25
C TYR A 265 4.28 -28.45 -9.35
N SER A 266 5.06 -28.24 -10.41
CA SER A 266 6.32 -28.97 -10.62
C SER A 266 7.29 -28.84 -9.44
N MET A 267 7.28 -27.69 -8.79
CA MET A 267 8.20 -27.45 -7.70
C MET A 267 7.78 -28.16 -6.43
N VAL A 268 6.49 -28.44 -6.28
CA VAL A 268 6.04 -29.22 -5.13
C VAL A 268 6.57 -30.65 -5.20
N TRP A 269 6.55 -31.21 -6.42
CA TRP A 269 7.07 -32.54 -6.65
C TRP A 269 8.58 -32.55 -6.60
N LEU A 270 9.24 -31.77 -7.45
CA LEU A 270 10.71 -31.71 -7.43
C LEU A 270 11.29 -31.48 -6.03
N CYS A 271 10.78 -30.49 -5.31
CA CYS A 271 11.35 -30.16 -4.01
C CYS A 271 10.68 -30.88 -2.85
N SER A 272 9.65 -31.69 -3.12
CA SER A 272 8.96 -32.45 -2.07
C SER A 272 8.50 -31.51 -0.97
N LEU A 273 7.75 -30.50 -1.38
CA LEU A 273 7.37 -29.41 -0.48
C LEU A 273 6.27 -29.84 0.48
N GLN A 274 5.56 -30.92 0.13
CA GLN A 274 4.45 -31.38 0.96
C GLN A 274 4.92 -31.84 2.34
N GLU A 275 6.21 -32.16 2.43
CA GLU A 275 6.85 -32.49 3.70
C GLU A 275 7.33 -31.27 4.47
N LYS A 276 7.67 -30.20 3.76
CA LYS A 276 8.20 -28.98 4.38
C LYS A 276 7.11 -27.92 4.71
N PHE A 277 5.97 -27.99 4.04
CA PHE A 277 4.88 -27.01 4.20
C PHE A 277 3.57 -27.66 4.59
N SER A 278 2.73 -26.92 5.33
CA SER A 278 1.37 -27.35 5.60
C SER A 278 0.57 -27.29 4.30
N GLN A 279 -0.61 -27.90 4.29
CA GLN A 279 -1.46 -27.86 3.10
C GLN A 279 -2.03 -26.45 2.88
N THR A 280 -2.16 -25.67 3.96
CA THR A 280 -2.54 -24.28 3.82
C THR A 280 -1.52 -23.51 3.00
N ASP A 281 -0.25 -23.64 3.39
CA ASP A 281 0.82 -22.99 2.63
C ASP A 281 0.82 -23.45 1.16
N ILE A 282 0.53 -24.72 0.92
CA ILE A 282 0.43 -25.20 -0.46
C ILE A 282 -0.74 -24.50 -1.15
N LEU A 283 -1.88 -24.43 -0.48
CA LEU A 283 -3.04 -23.75 -1.04
C LEU A 283 -2.68 -22.32 -1.40
N ILE A 284 -2.04 -21.61 -0.48
CA ILE A 284 -1.61 -20.25 -0.72
C ILE A 284 -0.71 -20.18 -1.95
N LEU A 285 0.39 -20.92 -1.93
CA LEU A 285 1.29 -20.94 -3.09
C LEU A 285 0.55 -21.12 -4.40
N MET A 286 -0.29 -22.15 -4.49
CA MET A 286 -0.98 -22.42 -5.73
C MET A 286 -1.93 -21.28 -6.08
N THR A 287 -2.89 -21.02 -5.20
CA THR A 287 -3.91 -20.01 -5.46
C THR A 287 -3.32 -18.63 -5.75
N ALA A 288 -2.16 -18.34 -5.16
CA ALA A 288 -1.46 -17.09 -5.41
C ALA A 288 -0.78 -17.11 -6.76
N ALA A 289 -0.18 -18.21 -7.15
CA ALA A 289 0.46 -18.32 -8.46
C ALA A 289 -0.55 -18.01 -9.55
N ILE A 290 -1.73 -18.61 -9.40
CA ILE A 290 -2.80 -18.54 -10.38
C ILE A 290 -3.30 -17.12 -10.54
N CYS A 291 -3.57 -16.48 -9.41
CA CYS A 291 -4.12 -15.13 -9.40
C CYS A 291 -3.09 -14.03 -9.64
N HIS A 292 -1.81 -14.31 -9.44
CA HIS A 292 -0.79 -13.28 -9.24
C HIS A 292 -0.75 -12.12 -10.25
N ASP A 293 -1.25 -12.34 -11.48
CA ASP A 293 -1.21 -11.33 -12.55
C ASP A 293 -2.59 -10.95 -13.13
N LEU A 294 -3.64 -11.17 -12.35
CA LEU A 294 -5.01 -10.90 -12.81
C LEU A 294 -5.20 -9.50 -13.34
N ASP A 295 -5.85 -9.40 -14.49
CA ASP A 295 -6.28 -8.12 -15.08
C ASP A 295 -5.09 -7.17 -15.37
N HIS A 296 -3.93 -7.76 -15.62
CA HIS A 296 -2.73 -7.00 -15.97
C HIS A 296 -3.02 -6.26 -17.27
N PRO A 297 -2.87 -4.93 -17.25
CA PRO A 297 -3.32 -4.13 -18.38
C PRO A 297 -2.38 -4.20 -19.58
N GLY A 298 -1.16 -4.64 -19.33
CA GLY A 298 -0.17 -4.88 -20.38
C GLY A 298 1.00 -3.92 -20.31
N TYR A 299 0.89 -2.95 -19.38
CA TYR A 299 1.89 -1.91 -19.19
C TYR A 299 2.29 -1.89 -17.71
N ASN A 300 3.60 -1.97 -17.45
CA ASN A 300 4.12 -2.18 -16.09
C ASN A 300 3.90 -1.00 -15.12
N ASN A 301 4.37 -1.14 -13.88
CA ASN A 301 4.19 -0.09 -12.88
C ASN A 301 4.92 1.19 -13.27
N THR A 302 6.06 1.04 -13.94
CA THR A 302 6.88 2.17 -14.38
C THR A 302 6.09 3.08 -15.33
N TYR A 303 5.16 2.52 -16.09
CA TYR A 303 4.31 3.32 -16.95
C TYR A 303 3.17 3.85 -16.11
N GLN A 304 2.57 2.97 -15.33
CA GLN A 304 1.41 3.32 -14.50
C GLN A 304 1.69 4.62 -13.71
N ILE A 305 2.87 4.69 -13.10
CA ILE A 305 3.25 5.85 -12.29
C ILE A 305 3.48 7.06 -13.18
N ASN A 306 4.35 6.90 -14.17
CA ASN A 306 4.74 7.99 -15.06
C ASN A 306 3.59 8.63 -15.82
N ALA A 307 2.68 7.82 -16.34
CA ALA A 307 1.49 8.37 -16.99
C ALA A 307 0.47 8.82 -15.96
N ARG A 308 0.74 8.53 -14.69
CA ARG A 308 -0.13 8.87 -13.57
C ARG A 308 -1.55 8.37 -13.82
N THR A 309 -1.66 7.05 -13.90
CA THR A 309 -2.89 6.37 -14.29
C THR A 309 -3.83 6.19 -13.12
N GLU A 310 -5.02 5.71 -13.43
CA GLU A 310 -6.03 5.43 -12.41
C GLU A 310 -5.44 4.57 -11.29
N LEU A 311 -4.79 3.48 -11.68
CA LEU A 311 -4.17 2.55 -10.73
C LEU A 311 -3.09 3.24 -9.93
N ALA A 312 -2.15 3.90 -10.60
CA ALA A 312 -1.03 4.52 -9.91
C ALA A 312 -1.50 5.56 -8.93
N VAL A 313 -2.55 6.29 -9.31
CA VAL A 313 -3.06 7.39 -8.50
C VAL A 313 -3.80 6.84 -7.27
N ARG A 314 -4.44 5.69 -7.46
CA ARG A 314 -5.18 5.00 -6.40
C ARG A 314 -4.30 4.28 -5.39
N TYR A 315 -3.33 3.51 -5.88
CA TYR A 315 -2.47 2.73 -5.00
C TYR A 315 -1.21 3.48 -4.58
N ASN A 316 -1.15 4.75 -4.95
CA ASN A 316 -0.14 5.71 -4.48
C ASN A 316 1.29 5.35 -4.88
N ASP A 317 1.46 4.94 -6.14
CA ASP A 317 2.76 4.55 -6.68
C ASP A 317 3.41 3.42 -5.86
N ILE A 318 2.58 2.55 -5.28
CA ILE A 318 3.03 1.48 -4.39
C ILE A 318 2.57 0.15 -4.96
N SER A 319 3.45 -0.50 -5.72
CA SER A 319 3.14 -1.78 -6.37
C SER A 319 1.73 -1.78 -6.95
N PRO A 320 1.37 -0.74 -7.71
CA PRO A 320 -0.05 -0.60 -8.07
C PRO A 320 -0.66 -1.81 -8.78
N LEU A 321 0.09 -2.42 -9.71
CA LEU A 321 -0.39 -3.61 -10.41
C LEU A 321 -0.60 -4.77 -9.46
N GLU A 322 0.44 -5.05 -8.69
CA GLU A 322 0.45 -6.19 -7.80
C GLU A 322 -0.63 -6.07 -6.71
N ASN A 323 -0.86 -4.84 -6.24
CA ASN A 323 -2.04 -4.55 -5.41
C ASN A 323 -3.33 -4.83 -6.14
N HIS A 324 -3.39 -4.42 -7.40
CA HIS A 324 -4.60 -4.54 -8.18
C HIS A 324 -4.95 -6.03 -8.35
N HIS A 325 -3.96 -6.79 -8.80
CA HIS A 325 -4.18 -8.21 -9.10
C HIS A 325 -4.78 -8.89 -7.90
N CYS A 326 -4.16 -8.60 -6.76
CA CYS A 326 -4.58 -9.07 -5.46
C CYS A 326 -6.03 -8.74 -5.17
N ALA A 327 -6.37 -7.45 -5.26
CA ALA A 327 -7.73 -7.00 -5.05
C ALA A 327 -8.69 -7.76 -5.96
N VAL A 328 -8.36 -7.80 -7.25
CA VAL A 328 -9.17 -8.57 -8.20
C VAL A 328 -9.34 -10.00 -7.70
N ALA A 329 -8.24 -10.63 -7.29
CA ALA A 329 -8.31 -12.01 -6.81
C ALA A 329 -9.40 -12.20 -5.75
N PHE A 330 -9.58 -11.24 -4.85
CA PHE A 330 -10.52 -11.43 -3.74
C PHE A 330 -11.91 -10.93 -4.04
N GLN A 331 -12.02 -10.07 -5.04
CA GLN A 331 -13.33 -9.71 -5.60
C GLN A 331 -13.96 -10.93 -6.27
N ILE A 332 -13.12 -11.82 -6.76
CA ILE A 332 -13.58 -13.08 -7.33
C ILE A 332 -13.98 -14.05 -6.24
N LEU A 333 -13.10 -14.26 -5.29
CA LEU A 333 -13.38 -15.15 -4.17
C LEU A 333 -14.49 -14.62 -3.25
N ALA A 334 -14.91 -13.38 -3.49
CA ALA A 334 -16.04 -12.78 -2.76
C ALA A 334 -17.37 -13.18 -3.36
N GLU A 335 -17.40 -13.37 -4.68
CA GLU A 335 -18.57 -13.94 -5.33
C GLU A 335 -18.78 -15.34 -4.76
N PRO A 336 -20.01 -15.65 -4.28
CA PRO A 336 -20.14 -16.93 -3.57
C PRO A 336 -20.10 -18.17 -4.51
N GLU A 337 -20.44 -17.98 -5.78
CA GLU A 337 -20.42 -19.07 -6.75
C GLU A 337 -18.99 -19.40 -7.21
N CYS A 338 -18.04 -18.48 -6.99
CA CYS A 338 -16.64 -18.73 -7.31
C CYS A 338 -15.80 -18.98 -6.06
N ASN A 339 -16.44 -19.06 -4.90
CA ASN A 339 -15.71 -19.07 -3.63
C ASN A 339 -15.17 -20.43 -3.22
N ILE A 340 -14.00 -20.76 -3.74
CA ILE A 340 -13.36 -22.03 -3.42
C ILE A 340 -13.04 -22.13 -1.93
N PHE A 341 -13.05 -21.00 -1.24
CA PHE A 341 -12.83 -20.99 0.20
C PHE A 341 -14.11 -21.03 1.04
N SER A 342 -15.28 -21.21 0.41
CA SER A 342 -16.56 -21.09 1.12
C SER A 342 -16.67 -22.02 2.33
N ASN A 343 -16.03 -23.18 2.31
CA ASN A 343 -16.11 -24.08 3.45
C ASN A 343 -14.85 -24.11 4.30
N ILE A 344 -14.17 -22.98 4.37
CA ILE A 344 -13.01 -22.80 5.22
C ILE A 344 -13.45 -21.87 6.33
N PRO A 345 -13.09 -22.20 7.59
CA PRO A 345 -13.39 -21.30 8.71
C PRO A 345 -12.81 -19.90 8.52
N PRO A 346 -13.46 -18.88 9.12
CA PRO A 346 -13.00 -17.51 8.91
C PRO A 346 -11.55 -17.28 9.36
N ASP A 347 -11.09 -18.02 10.36
CA ASP A 347 -9.69 -18.01 10.80
C ASP A 347 -8.70 -18.31 9.68
N GLY A 348 -8.97 -19.39 8.95
CA GLY A 348 -8.13 -19.84 7.85
C GLY A 348 -8.19 -18.89 6.67
N PHE A 349 -9.39 -18.41 6.35
CA PHE A 349 -9.55 -17.37 5.35
C PHE A 349 -8.55 -16.26 5.61
N LYS A 350 -8.53 -15.77 6.85
CA LYS A 350 -7.65 -14.68 7.23
C LYS A 350 -6.19 -15.03 6.95
N GLN A 351 -5.79 -16.23 7.32
CA GLN A 351 -4.39 -16.65 7.17
C GLN A 351 -4.02 -16.91 5.71
N ILE A 352 -4.99 -17.33 4.93
CA ILE A 352 -4.84 -17.47 3.49
C ILE A 352 -4.79 -16.11 2.84
N ARG A 353 -5.77 -15.27 3.15
CA ARG A 353 -5.79 -13.91 2.63
C ARG A 353 -4.44 -13.22 2.85
N GLN A 354 -3.91 -13.31 4.06
CA GLN A 354 -2.59 -12.75 4.38
C GLN A 354 -1.50 -13.38 3.54
N GLY A 355 -1.42 -14.71 3.60
CA GLY A 355 -0.47 -15.44 2.78
C GLY A 355 -0.51 -14.95 1.35
N MET A 356 -1.70 -14.94 0.77
CA MET A 356 -1.88 -14.63 -0.64
C MET A 356 -1.45 -13.23 -0.99
N ILE A 357 -1.81 -12.27 -0.13
CA ILE A 357 -1.42 -10.87 -0.35
C ILE A 357 0.09 -10.73 -0.38
N THR A 358 0.75 -11.27 0.64
CA THR A 358 2.20 -11.17 0.77
C THR A 358 2.91 -11.66 -0.49
N LEU A 359 2.46 -12.81 -0.98
CA LEU A 359 3.09 -13.46 -2.14
C LEU A 359 2.85 -12.71 -3.44
N ILE A 360 1.64 -12.19 -3.62
CA ILE A 360 1.33 -11.48 -4.85
C ILE A 360 2.12 -10.17 -4.92
N LEU A 361 2.19 -9.45 -3.80
CA LEU A 361 2.96 -8.21 -3.71
C LEU A 361 4.47 -8.45 -3.78
N ALA A 362 4.90 -9.68 -3.53
CA ALA A 362 6.30 -10.02 -3.62
C ALA A 362 6.79 -10.19 -5.06
N THR A 363 5.84 -10.39 -5.98
CA THR A 363 6.17 -10.62 -7.39
C THR A 363 6.66 -9.37 -8.07
N ASP A 364 6.46 -8.21 -7.43
CA ASP A 364 6.96 -6.95 -7.92
C ASP A 364 8.46 -6.99 -8.03
N MET A 365 8.95 -6.79 -9.24
CA MET A 365 10.38 -6.93 -9.53
C MET A 365 11.21 -5.79 -8.98
N ALA A 366 10.56 -4.73 -8.50
CA ALA A 366 11.23 -3.64 -7.82
C ALA A 366 11.84 -4.13 -6.53
N ARG A 367 11.16 -5.07 -5.89
CA ARG A 367 11.61 -5.61 -4.62
C ARG A 367 12.49 -6.87 -4.78
N HIS A 368 12.94 -7.17 -6.00
CA HIS A 368 13.83 -8.31 -6.18
C HIS A 368 15.06 -8.20 -5.30
N ALA A 369 15.71 -7.05 -5.34
CA ALA A 369 16.93 -6.86 -4.58
C ALA A 369 16.65 -7.09 -3.11
N GLU A 370 15.68 -6.34 -2.58
CA GLU A 370 15.29 -6.40 -1.17
C GLU A 370 15.02 -7.83 -0.71
N ILE A 371 14.13 -8.51 -1.43
CA ILE A 371 13.65 -9.84 -1.04
C ILE A 371 14.77 -10.90 -1.11
N MET A 372 15.59 -10.83 -2.14
CA MET A 372 16.73 -11.72 -2.25
C MET A 372 17.72 -11.52 -1.11
N ASP A 373 17.95 -10.27 -0.72
CA ASP A 373 18.82 -10.00 0.42
C ASP A 373 18.20 -10.54 1.71
N SER A 374 16.93 -10.20 1.97
CA SER A 374 16.18 -10.74 3.13
C SER A 374 16.31 -12.25 3.25
N PHE A 375 16.24 -12.93 2.12
CA PHE A 375 16.34 -14.37 2.10
C PHE A 375 17.75 -14.86 2.44
N LYS A 376 18.75 -14.29 1.77
CA LYS A 376 20.12 -14.70 2.03
C LYS A 376 20.59 -14.40 3.46
N GLU A 377 20.01 -13.36 4.06
CA GLU A 377 20.20 -13.08 5.48
C GLU A 377 19.83 -14.32 6.33
N LYS A 378 18.70 -14.95 5.98
CA LYS A 378 18.23 -16.16 6.66
C LYS A 378 19.07 -17.39 6.30
N MET A 379 19.44 -17.53 5.03
CA MET A 379 20.16 -18.72 4.56
C MET A 379 21.49 -18.95 5.29
N GLU A 380 22.06 -17.86 5.81
CA GLU A 380 23.15 -17.93 6.80
C GLU A 380 22.91 -19.02 7.86
N ASN A 381 21.64 -19.19 8.26
CA ASN A 381 21.23 -20.24 9.20
C ASN A 381 19.71 -20.47 9.11
N PHE A 382 19.26 -21.08 8.00
CA PHE A 382 17.81 -21.24 7.73
C PHE A 382 17.13 -22.21 8.72
N ASP A 383 15.81 -22.07 8.87
CA ASP A 383 15.05 -22.68 9.96
C ASP A 383 13.60 -22.91 9.50
N TYR A 384 13.28 -24.14 9.13
CA TYR A 384 11.95 -24.46 8.61
C TYR A 384 10.82 -24.22 9.60
N SER A 385 11.17 -24.09 10.88
CA SER A 385 10.20 -23.84 11.95
C SER A 385 10.10 -22.35 12.31
N ASN A 386 10.60 -21.49 11.44
CA ASN A 386 10.52 -20.05 11.66
C ASN A 386 9.60 -19.44 10.62
N GLU A 387 8.35 -19.22 11.01
CA GLU A 387 7.31 -18.68 10.13
C GLU A 387 7.81 -17.53 9.24
N GLU A 388 8.70 -16.72 9.80
CA GLU A 388 9.35 -15.61 9.09
C GLU A 388 10.29 -16.10 7.96
N HIS A 389 11.08 -17.12 8.26
CA HIS A 389 11.94 -17.78 7.25
C HIS A 389 11.12 -18.38 6.12
N MET A 390 9.97 -18.97 6.46
CA MET A 390 9.10 -19.61 5.48
C MET A 390 8.35 -18.58 4.65
N THR A 391 7.82 -17.54 5.29
CA THR A 391 7.14 -16.50 4.55
C THR A 391 8.08 -15.94 3.48
N LEU A 392 9.36 -15.88 3.78
CA LEU A 392 10.36 -15.47 2.78
C LEU A 392 10.61 -16.54 1.73
N LEU A 393 10.63 -17.81 2.13
CA LEU A 393 10.83 -18.88 1.16
C LEU A 393 9.67 -18.93 0.17
N LYS A 394 8.45 -18.94 0.70
CA LYS A 394 7.24 -18.91 -0.14
C LYS A 394 7.37 -17.79 -1.18
N MET A 395 7.75 -16.60 -0.72
CA MET A 395 8.00 -15.50 -1.63
C MET A 395 8.99 -15.90 -2.72
N ILE A 396 10.15 -16.42 -2.34
CA ILE A 396 11.15 -16.77 -3.34
C ILE A 396 10.62 -17.85 -4.29
N LEU A 397 9.79 -18.74 -3.77
CA LEU A 397 9.20 -19.79 -4.58
C LEU A 397 8.27 -19.26 -5.67
N ILE A 398 7.35 -18.37 -5.28
CA ILE A 398 6.41 -17.77 -6.25
C ILE A 398 7.16 -16.85 -7.20
N LYS A 399 8.13 -16.15 -6.65
CA LYS A 399 9.00 -15.32 -7.46
C LYS A 399 9.62 -16.20 -8.50
N CYS A 400 10.25 -17.28 -8.07
CA CYS A 400 10.85 -18.23 -9.00
C CYS A 400 9.91 -18.61 -10.12
N CYS A 401 8.68 -18.96 -9.78
CA CYS A 401 7.75 -19.48 -10.76
C CYS A 401 7.27 -18.41 -11.75
N ASP A 402 7.20 -17.16 -11.28
CA ASP A 402 6.80 -16.00 -12.11
C ASP A 402 7.71 -15.87 -13.34
N ILE A 403 9.02 -15.84 -13.12
CA ILE A 403 9.99 -15.52 -14.18
C ILE A 403 10.61 -16.74 -14.86
N SER A 404 10.23 -17.93 -14.39
CA SER A 404 10.82 -19.20 -14.85
C SER A 404 10.38 -19.66 -16.24
N ASN A 405 10.62 -18.85 -17.27
CA ASN A 405 10.34 -19.28 -18.62
C ASN A 405 11.54 -20.03 -19.18
N GLU A 406 12.74 -19.46 -18.99
CA GLU A 406 13.95 -20.03 -19.58
C GLU A 406 14.41 -21.34 -18.91
N VAL A 407 13.79 -21.69 -17.79
CA VAL A 407 13.97 -23.00 -17.16
C VAL A 407 13.40 -24.15 -18.03
N ARG A 408 12.41 -23.83 -18.86
CA ARG A 408 11.79 -24.82 -19.74
C ARG A 408 12.62 -25.06 -20.99
N PRO A 409 12.37 -26.17 -21.70
CA PRO A 409 13.05 -26.47 -22.96
C PRO A 409 13.00 -25.33 -23.98
N MET A 410 14.06 -25.19 -24.78
CA MET A 410 14.16 -24.12 -25.79
C MET A 410 12.93 -24.01 -26.68
N GLU A 411 12.45 -25.14 -27.21
CA GLU A 411 11.22 -25.12 -27.97
C GLU A 411 10.10 -24.40 -27.19
N VAL A 412 10.02 -24.64 -25.88
CA VAL A 412 8.95 -24.09 -25.04
C VAL A 412 9.18 -22.65 -24.61
N ALA A 413 10.43 -22.28 -24.38
CA ALA A 413 10.77 -20.99 -23.78
C ALA A 413 10.93 -19.82 -24.75
N GLU A 414 11.31 -20.10 -25.99
CA GLU A 414 11.62 -19.05 -26.96
C GLU A 414 10.43 -18.24 -27.45
N PRO A 415 9.27 -18.90 -27.67
CA PRO A 415 8.07 -18.13 -27.98
C PRO A 415 7.73 -17.05 -26.96
N TRP A 416 7.97 -17.30 -25.67
CA TRP A 416 7.69 -16.31 -24.63
C TRP A 416 8.50 -15.03 -24.80
N VAL A 417 9.75 -15.14 -25.22
CA VAL A 417 10.60 -13.97 -25.37
C VAL A 417 10.06 -13.02 -26.44
N ASP A 418 9.50 -13.57 -27.52
CA ASP A 418 8.83 -12.75 -28.53
C ASP A 418 7.58 -12.13 -27.92
N CYS A 419 6.77 -12.95 -27.27
CA CYS A 419 5.61 -12.46 -26.53
C CYS A 419 5.95 -11.34 -25.53
N LEU A 420 7.06 -11.49 -24.81
CA LEU A 420 7.47 -10.49 -23.83
C LEU A 420 7.77 -9.17 -24.49
N LEU A 421 8.55 -9.24 -25.57
CA LEU A 421 8.95 -8.03 -26.27
C LEU A 421 7.81 -7.42 -27.04
N GLU A 422 6.92 -8.25 -27.56
CA GLU A 422 5.73 -7.72 -28.21
C GLU A 422 5.08 -6.72 -27.23
N GLU A 423 4.85 -7.19 -26.00
CA GLU A 423 4.29 -6.35 -24.93
C GLU A 423 5.19 -5.14 -24.60
N TYR A 424 6.43 -5.41 -24.23
CA TYR A 424 7.39 -4.37 -23.87
C TYR A 424 7.49 -3.24 -24.91
N PHE A 425 7.29 -3.56 -26.19
CA PHE A 425 7.29 -2.53 -27.24
C PHE A 425 5.99 -1.75 -27.24
N MET A 426 4.88 -2.43 -27.46
CA MET A 426 3.54 -1.85 -27.29
C MET A 426 3.49 -0.75 -26.21
N GLN A 427 4.24 -0.94 -25.12
CA GLN A 427 4.35 0.05 -24.04
C GLN A 427 5.29 1.19 -24.38
N SER A 428 6.50 0.87 -24.85
CA SER A 428 7.46 1.91 -25.18
C SER A 428 7.02 2.73 -26.41
N ASP A 429 6.32 2.08 -27.35
CA ASP A 429 5.65 2.77 -28.45
C ASP A 429 4.66 3.82 -27.94
N ARG A 430 3.85 3.42 -26.96
CA ARG A 430 2.95 4.34 -26.27
C ARG A 430 3.73 5.34 -25.40
N GLU A 431 4.76 4.89 -24.69
CA GLU A 431 5.57 5.75 -23.85
C GLU A 431 6.22 6.86 -24.70
N LYS A 432 6.70 6.51 -25.89
CA LYS A 432 7.34 7.48 -26.78
C LYS A 432 6.32 8.53 -27.27
N SER A 433 5.22 8.06 -27.86
CA SER A 433 4.21 8.96 -28.41
C SER A 433 3.36 9.70 -27.37
N GLU A 434 3.76 9.63 -26.08
CA GLU A 434 3.19 10.47 -25.03
C GLU A 434 4.29 11.24 -24.30
N GLY A 435 5.52 11.17 -24.80
CA GLY A 435 6.64 11.93 -24.24
C GLY A 435 7.18 11.45 -22.90
N LEU A 436 6.81 10.23 -22.51
CA LEU A 436 7.24 9.64 -21.24
C LEU A 436 8.53 8.87 -21.45
N PRO A 437 9.33 8.71 -20.39
CA PRO A 437 10.58 7.94 -20.53
C PRO A 437 10.35 6.50 -20.98
N VAL A 438 11.33 5.95 -21.70
CA VAL A 438 11.36 4.53 -22.05
C VAL A 438 12.68 3.98 -21.51
N ALA A 439 12.64 2.79 -20.91
CA ALA A 439 13.86 2.12 -20.45
C ALA A 439 14.51 1.40 -21.63
N PRO A 440 15.85 1.35 -21.66
CA PRO A 440 16.51 0.87 -22.89
C PRO A 440 16.24 -0.61 -23.17
N PHE A 441 15.87 -1.36 -22.13
CA PHE A 441 15.52 -2.79 -22.25
C PHE A 441 14.11 -3.03 -22.81
N MET A 442 13.39 -1.97 -23.18
CA MET A 442 12.13 -2.09 -23.92
C MET A 442 12.13 -1.20 -25.16
N ASP A 443 13.19 -0.42 -25.32
CA ASP A 443 13.40 0.41 -26.50
C ASP A 443 13.54 -0.53 -27.70
N ARG A 444 12.57 -0.48 -28.58
CA ARG A 444 12.56 -1.33 -29.76
C ARG A 444 13.86 -1.27 -30.56
N ASP A 445 14.61 -0.19 -30.45
CA ASP A 445 15.82 -0.01 -31.25
C ASP A 445 17.11 -0.50 -30.60
N LYS A 446 17.11 -0.69 -29.27
CA LYS A 446 18.31 -1.18 -28.58
C LYS A 446 18.28 -2.68 -28.27
N VAL A 447 17.09 -3.28 -28.28
CA VAL A 447 16.87 -4.57 -27.67
C VAL A 447 16.74 -5.68 -28.69
N THR A 448 17.42 -6.80 -28.45
CA THR A 448 17.20 -8.04 -29.18
C THR A 448 16.76 -9.12 -28.21
N LYS A 449 16.23 -10.20 -28.77
CA LYS A 449 15.91 -11.40 -28.01
C LYS A 449 17.08 -11.78 -27.09
N ALA A 450 18.29 -11.75 -27.63
CA ALA A 450 19.49 -12.19 -26.91
C ALA A 450 19.95 -11.25 -25.76
N THR A 451 20.01 -9.94 -26.02
CA THR A 451 20.41 -8.97 -24.98
C THR A 451 19.40 -8.97 -23.85
N ALA A 452 18.13 -9.12 -24.22
CA ALA A 452 17.05 -9.26 -23.25
C ALA A 452 17.31 -10.37 -22.22
N GLN A 453 17.82 -11.50 -22.67
CA GLN A 453 17.92 -12.67 -21.81
C GLN A 453 19.28 -12.93 -21.18
N ILE A 454 20.36 -12.57 -21.86
CA ILE A 454 21.69 -12.82 -21.27
C ILE A 454 21.80 -12.18 -19.89
N GLY A 455 21.44 -10.89 -19.81
CA GLY A 455 21.43 -10.16 -18.54
C GLY A 455 20.52 -10.79 -17.50
N PHE A 456 19.28 -11.02 -17.90
CA PHE A 456 18.27 -11.58 -17.02
C PHE A 456 18.63 -12.95 -16.47
N ILE A 457 19.07 -13.85 -17.34
CA ILE A 457 19.40 -15.20 -16.92
C ILE A 457 20.58 -15.12 -15.95
N LYS A 458 21.55 -14.27 -16.27
CA LYS A 458 22.81 -14.21 -15.53
C LYS A 458 22.66 -13.61 -14.14
N PHE A 459 22.09 -12.42 -14.05
CA PHE A 459 22.10 -11.67 -12.79
C PHE A 459 20.76 -11.69 -12.03
N VAL A 460 19.75 -12.36 -12.58
CA VAL A 460 18.45 -12.50 -11.90
C VAL A 460 18.08 -13.96 -11.68
N LEU A 461 17.86 -14.69 -12.77
CA LEU A 461 17.40 -16.07 -12.69
C LEU A 461 18.42 -17.00 -11.99
N ILE A 462 19.63 -17.06 -12.52
CA ILE A 462 20.63 -17.98 -11.95
C ILE A 462 20.87 -17.73 -10.46
N PRO A 463 21.25 -16.49 -10.09
CA PRO A 463 21.47 -16.19 -8.69
C PRO A 463 20.34 -16.65 -7.79
N MET A 464 19.10 -16.40 -8.20
CA MET A 464 17.94 -16.82 -7.43
C MET A 464 17.89 -18.35 -7.29
N PHE A 465 18.00 -19.05 -8.41
CA PHE A 465 17.98 -20.49 -8.39
C PHE A 465 19.21 -21.13 -7.72
N GLU A 466 20.35 -20.44 -7.73
CA GLU A 466 21.55 -20.90 -7.02
C GLU A 466 21.25 -21.04 -5.52
N THR A 467 20.61 -20.02 -4.95
CA THR A 467 20.26 -19.99 -3.53
C THR A 467 19.18 -21.00 -3.18
N VAL A 468 18.13 -21.04 -4.00
CA VAL A 468 17.04 -21.99 -3.81
C VAL A 468 17.55 -23.44 -3.94
N THR A 469 18.70 -23.64 -4.57
CA THR A 469 19.32 -24.95 -4.67
C THR A 469 20.09 -25.32 -3.41
N LYS A 470 20.60 -24.32 -2.69
CA LYS A 470 21.22 -24.59 -1.39
C LYS A 470 20.23 -25.20 -0.41
N LEU A 471 18.96 -24.86 -0.56
CA LEU A 471 17.89 -25.54 0.19
C LEU A 471 17.46 -26.84 -0.49
N PHE A 472 17.44 -26.85 -1.82
CA PHE A 472 16.94 -28.01 -2.57
C PHE A 472 17.94 -28.43 -3.65
N PRO A 473 19.00 -29.19 -3.28
CA PRO A 473 20.09 -29.58 -4.20
C PRO A 473 19.64 -30.18 -5.54
N MET A 474 18.53 -30.90 -5.52
CA MET A 474 17.91 -31.49 -6.74
C MET A 474 17.64 -30.45 -7.84
N VAL A 475 17.38 -29.21 -7.43
CA VAL A 475 17.08 -28.10 -8.33
C VAL A 475 18.18 -27.87 -9.37
N GLU A 476 19.44 -27.86 -8.93
CA GLU A 476 20.58 -27.59 -9.80
C GLU A 476 20.45 -28.27 -11.16
N GLU A 477 20.27 -29.58 -11.13
CA GLU A 477 20.34 -30.38 -12.35
C GLU A 477 19.08 -30.22 -13.21
N ILE A 478 17.96 -29.85 -12.60
CA ILE A 478 16.68 -29.70 -13.31
C ILE A 478 16.38 -28.26 -13.80
N MET A 479 16.91 -27.28 -13.08
CA MET A 479 16.58 -25.88 -13.34
C MET A 479 17.80 -25.04 -13.72
N LEU A 480 18.84 -25.03 -12.88
CA LEU A 480 20.10 -24.35 -13.23
C LEU A 480 20.71 -24.90 -14.52
N GLN A 481 20.56 -26.20 -14.72
CA GLN A 481 21.07 -26.85 -15.92
C GLN A 481 20.58 -26.14 -17.21
N PRO A 482 19.25 -26.17 -17.48
CA PRO A 482 18.78 -25.54 -18.72
C PRO A 482 19.05 -24.03 -18.80
N LEU A 483 19.16 -23.38 -17.64
CA LEU A 483 19.45 -21.96 -17.61
C LEU A 483 20.84 -21.63 -18.13
N TRP A 484 21.83 -22.41 -17.69
CA TRP A 484 23.20 -22.21 -18.17
C TRP A 484 23.25 -22.43 -19.67
N GLU A 485 22.52 -23.42 -20.16
CA GLU A 485 22.47 -23.72 -21.57
C GLU A 485 21.89 -22.53 -22.32
N SER A 486 20.76 -22.03 -21.83
CA SER A 486 20.10 -20.87 -22.44
C SER A 486 21.02 -19.64 -22.48
N ARG A 487 21.65 -19.33 -21.35
CA ARG A 487 22.66 -18.29 -21.29
C ARG A 487 23.70 -18.46 -22.38
N ASP A 488 24.26 -19.68 -22.46
CA ASP A 488 25.34 -19.96 -23.39
C ASP A 488 24.88 -19.86 -24.83
N ARG A 489 23.63 -20.25 -25.08
CA ARG A 489 23.08 -20.17 -26.42
C ARG A 489 22.85 -18.72 -26.84
N TYR A 490 22.22 -17.93 -25.98
CA TYR A 490 21.94 -16.56 -26.33
C TYR A 490 23.23 -15.72 -26.46
N GLU A 491 24.23 -15.99 -25.63
CA GLU A 491 25.54 -15.36 -25.79
C GLU A 491 26.16 -15.66 -27.15
N GLU A 492 26.10 -16.94 -27.56
CA GLU A 492 26.52 -17.35 -28.92
C GLU A 492 25.78 -16.56 -29.99
N LEU A 493 24.45 -16.55 -29.88
CA LEU A 493 23.57 -15.80 -30.78
C LEU A 493 23.89 -14.29 -30.83
N LYS A 494 24.28 -13.72 -29.68
CA LYS A 494 24.66 -12.31 -29.61
C LYS A 494 25.88 -12.03 -30.48
N ARG A 495 26.80 -12.98 -30.54
CA ARG A 495 27.96 -12.83 -31.41
C ARG A 495 27.52 -12.71 -32.87
N ILE A 496 26.47 -13.43 -33.26
CA ILE A 496 26.00 -13.38 -34.62
C ILE A 496 25.19 -12.12 -34.91
N ASP A 497 24.33 -11.73 -33.99
CA ASP A 497 23.61 -10.46 -34.12
C ASP A 497 24.60 -9.30 -34.34
N ASP A 498 25.71 -9.31 -33.59
CA ASP A 498 26.68 -8.22 -33.64
C ASP A 498 27.45 -8.26 -34.95
N ALA A 499 27.78 -9.46 -35.41
CA ALA A 499 28.44 -9.63 -36.69
C ALA A 499 27.58 -9.05 -37.81
N MET A 500 26.26 -9.16 -37.70
CA MET A 500 25.39 -8.61 -38.73
C MET A 500 25.47 -7.10 -38.78
N LYS A 501 25.59 -6.44 -37.64
CA LYS A 501 25.75 -4.98 -37.59
C LYS A 501 27.08 -4.48 -38.18
N GLU A 502 28.11 -5.32 -38.16
CA GLU A 502 29.38 -5.01 -38.82
C GLU A 502 29.26 -5.02 -40.36
N LEU A 503 28.08 -5.41 -40.87
CA LEU A 503 27.76 -5.38 -42.30
C LEU A 503 26.71 -4.32 -42.65
N GLN A 504 26.23 -3.55 -41.67
CA GLN A 504 25.06 -2.68 -41.84
C GLN A 504 25.38 -1.18 -41.66
N LYS A 505 25.99 -0.83 -40.52
CA LYS A 505 26.39 0.55 -40.24
C LYS A 505 27.13 1.15 -41.43
N LYS A 506 27.13 2.48 -41.49
CA LYS A 506 27.72 3.21 -42.61
C LYS A 506 28.53 4.42 -42.12
N PRO B 181 -17.28 49.92 6.26
CA PRO B 181 -18.15 49.50 7.35
C PRO B 181 -17.68 48.17 7.94
N THR B 182 -18.58 47.40 8.56
CA THR B 182 -18.32 45.98 8.84
C THR B 182 -18.24 45.27 7.49
N TYR B 183 -17.05 44.78 7.15
CA TYR B 183 -16.84 44.03 5.91
C TYR B 183 -17.45 42.65 6.07
N PRO B 184 -17.59 41.89 4.96
CA PRO B 184 -18.11 40.51 5.08
C PRO B 184 -17.23 39.59 5.94
N LYS B 185 -17.73 38.38 6.16
CA LYS B 185 -17.13 37.46 7.13
C LYS B 185 -15.87 36.81 6.57
N TYR B 186 -15.87 36.53 5.26
CA TYR B 186 -14.71 35.95 4.58
C TYR B 186 -13.56 36.92 4.32
N LEU B 187 -13.66 38.13 4.87
CA LEU B 187 -12.52 39.04 4.99
C LEU B 187 -12.11 39.11 6.46
N LEU B 188 -10.91 38.65 6.74
CA LEU B 188 -10.46 38.40 8.10
C LEU B 188 -9.91 39.67 8.69
N SER B 189 -10.35 40.02 9.89
CA SER B 189 -9.76 41.15 10.59
C SER B 189 -8.29 40.85 10.91
N PRO B 190 -7.41 41.85 10.78
CA PRO B 190 -6.05 41.62 11.25
C PRO B 190 -6.00 40.91 12.60
N GLU B 191 -7.05 41.07 13.41
CA GLU B 191 -7.18 40.42 14.71
C GLU B 191 -7.29 38.91 14.57
N THR B 192 -8.04 38.47 13.56
CA THR B 192 -8.14 37.06 13.19
C THR B 192 -6.79 36.56 12.65
N ILE B 193 -6.33 37.13 11.53
CA ILE B 193 -5.00 36.82 10.95
C ILE B 193 -3.92 36.69 12.03
N GLU B 194 -4.03 37.51 13.06
CA GLU B 194 -3.11 37.44 14.19
C GLU B 194 -3.34 36.19 15.02
N ALA B 195 -4.59 35.96 15.42
CA ALA B 195 -4.95 34.87 16.34
C ALA B 195 -4.87 33.48 15.72
N LEU B 196 -4.75 33.45 14.39
CA LEU B 196 -4.71 32.21 13.61
C LEU B 196 -3.35 31.52 13.66
N ARG B 197 -2.32 32.25 14.06
CA ARG B 197 -0.97 31.69 14.23
C ARG B 197 -0.84 30.88 15.53
N LYS B 198 -1.89 30.88 16.33
CA LYS B 198 -1.82 30.44 17.71
C LYS B 198 -2.65 29.16 17.85
N PRO B 199 -2.21 28.23 18.73
CA PRO B 199 -3.03 27.05 19.04
C PRO B 199 -4.24 27.35 19.96
N THR B 200 -4.24 28.51 20.59
CA THR B 200 -5.39 29.01 21.35
C THR B 200 -6.56 29.40 20.46
N PHE B 201 -6.35 29.50 19.15
CA PHE B 201 -7.43 29.79 18.20
C PHE B 201 -8.69 28.92 18.40
N ASP B 202 -9.86 29.56 18.32
CA ASP B 202 -11.14 28.89 18.50
C ASP B 202 -11.67 28.46 17.15
N VAL B 203 -11.47 27.19 16.84
CA VAL B 203 -11.94 26.60 15.60
C VAL B 203 -13.47 26.56 15.47
N TRP B 204 -14.17 26.64 16.59
CA TRP B 204 -15.63 26.52 16.57
C TRP B 204 -16.31 27.80 16.10
N LEU B 205 -15.66 28.95 16.26
CA LEU B 205 -16.27 30.24 15.89
C LEU B 205 -16.69 30.34 14.42
N TRP B 206 -15.96 29.68 13.54
CA TRP B 206 -16.05 29.97 12.11
C TRP B 206 -16.89 28.96 11.34
N GLU B 207 -17.29 29.38 10.14
CA GLU B 207 -18.06 28.53 9.24
C GLU B 207 -17.24 28.29 7.98
N PRO B 208 -17.63 27.30 7.17
CA PRO B 208 -16.83 26.90 6.01
C PRO B 208 -16.17 28.06 5.28
N ASN B 209 -16.97 29.02 4.83
CA ASN B 209 -16.46 30.21 4.13
C ASN B 209 -15.15 30.68 4.72
N GLU B 210 -15.18 30.90 6.02
CA GLU B 210 -14.13 31.62 6.73
C GLU B 210 -12.94 30.71 7.00
N MET B 211 -13.22 29.44 7.32
CA MET B 211 -12.17 28.44 7.47
C MET B 211 -11.39 28.31 6.17
N LEU B 212 -12.10 28.36 5.05
CA LEU B 212 -11.48 28.31 3.73
C LEU B 212 -10.65 29.56 3.43
N SER B 213 -11.20 30.73 3.71
CA SER B 213 -10.43 31.96 3.61
C SER B 213 -9.21 31.87 4.53
N CYS B 214 -9.42 31.35 5.75
CA CYS B 214 -8.33 31.16 6.70
C CYS B 214 -7.21 30.32 6.11
N LEU B 215 -7.56 29.16 5.60
CA LEU B 215 -6.59 28.26 4.98
C LEU B 215 -5.89 28.93 3.77
N GLU B 216 -6.68 29.59 2.94
CA GLU B 216 -6.18 30.34 1.78
C GLU B 216 -5.08 31.33 2.20
N HIS B 217 -5.38 32.11 3.23
CA HIS B 217 -4.40 33.04 3.80
C HIS B 217 -3.14 32.31 4.26
N MET B 218 -3.31 31.13 4.88
CA MET B 218 -2.16 30.33 5.32
C MET B 218 -1.19 30.13 4.18
N TYR B 219 -1.72 29.88 3.00
CA TYR B 219 -0.88 29.56 1.84
C TYR B 219 -0.15 30.78 1.28
N HIS B 220 -0.74 31.96 1.41
CA HIS B 220 -0.06 33.20 1.04
C HIS B 220 0.98 33.54 2.10
N ASP B 221 0.53 33.59 3.35
CA ASP B 221 1.38 33.99 4.49
C ASP B 221 2.60 33.08 4.69
N LEU B 222 2.49 31.81 4.31
CA LEU B 222 3.62 30.91 4.39
C LEU B 222 4.55 31.01 3.17
N GLY B 223 4.23 31.93 2.25
CA GLY B 223 5.01 32.14 1.05
C GLY B 223 4.92 31.03 0.02
N LEU B 224 3.89 30.20 0.13
CA LEU B 224 3.74 29.05 -0.77
C LEU B 224 3.17 29.50 -2.12
N VAL B 225 2.24 30.46 -2.09
CA VAL B 225 1.66 30.98 -3.30
C VAL B 225 2.75 31.63 -4.14
N ARG B 226 3.62 32.38 -3.48
CA ARG B 226 4.73 33.01 -4.17
C ARG B 226 5.72 31.98 -4.70
N ASP B 227 6.28 31.17 -3.80
CA ASP B 227 7.44 30.31 -4.12
C ASP B 227 7.13 29.12 -5.06
N PHE B 228 5.86 28.80 -5.24
CA PHE B 228 5.44 27.74 -6.15
C PHE B 228 4.56 28.24 -7.29
N SER B 229 4.42 29.56 -7.39
CA SER B 229 3.60 30.20 -8.42
C SER B 229 2.22 29.58 -8.44
N ILE B 230 1.61 29.49 -7.27
CA ILE B 230 0.27 28.93 -7.16
C ILE B 230 -0.70 29.97 -7.67
N ASN B 231 -1.54 29.58 -8.60
CA ASN B 231 -2.57 30.47 -9.10
C ASN B 231 -3.55 30.72 -7.95
N PRO B 232 -3.71 31.99 -7.53
CA PRO B 232 -4.58 32.25 -6.38
C PRO B 232 -6.05 31.90 -6.60
N VAL B 233 -6.48 31.80 -7.86
CA VAL B 233 -7.86 31.44 -8.15
C VAL B 233 -8.03 29.93 -8.09
N THR B 234 -6.99 29.22 -8.52
CA THR B 234 -6.94 27.77 -8.35
C THR B 234 -6.99 27.40 -6.86
N LEU B 235 -6.19 28.09 -6.05
CA LEU B 235 -6.08 27.84 -4.62
C LEU B 235 -7.44 27.88 -3.92
N ARG B 236 -8.35 28.73 -4.40
CA ARG B 236 -9.68 28.76 -3.83
C ARG B 236 -10.49 27.57 -4.25
N ARG B 237 -10.45 27.25 -5.55
CA ARG B 237 -11.19 26.09 -6.09
C ARG B 237 -10.72 24.76 -5.49
N TRP B 238 -9.42 24.63 -5.32
CA TRP B 238 -8.85 23.49 -4.64
C TRP B 238 -9.52 23.33 -3.29
N LEU B 239 -9.56 24.39 -2.50
CA LEU B 239 -10.12 24.33 -1.15
C LEU B 239 -11.63 24.09 -1.13
N PHE B 240 -12.37 24.57 -2.14
CA PHE B 240 -13.80 24.24 -2.21
C PHE B 240 -13.95 22.75 -2.50
N CYS B 241 -13.14 22.25 -3.43
CA CYS B 241 -13.22 20.85 -3.80
C CYS B 241 -12.82 19.99 -2.60
N VAL B 242 -11.80 20.43 -1.86
CA VAL B 242 -11.33 19.69 -0.68
C VAL B 242 -12.45 19.62 0.35
N HIS B 243 -13.07 20.76 0.61
CA HIS B 243 -14.20 20.83 1.53
C HIS B 243 -15.31 19.87 1.14
N ASP B 244 -15.67 19.87 -0.14
CA ASP B 244 -16.79 19.06 -0.64
C ASP B 244 -16.54 17.56 -0.44
N ASN B 245 -15.28 17.15 -0.55
CA ASN B 245 -14.88 15.73 -0.41
C ASN B 245 -14.66 15.28 1.01
N TYR B 246 -14.71 16.20 1.96
CA TYR B 246 -14.84 15.82 3.35
C TYR B 246 -16.30 15.52 3.64
N ARG B 247 -16.54 14.50 4.45
CA ARG B 247 -17.91 14.07 4.75
C ARG B 247 -18.37 14.64 6.06
N ASN B 248 -19.69 14.60 6.30
CA ASN B 248 -20.23 15.10 7.55
C ASN B 248 -20.41 14.01 8.57
N ASN B 249 -19.27 13.47 9.02
CA ASN B 249 -19.25 12.57 10.15
C ASN B 249 -19.16 13.44 11.40
N PRO B 250 -19.47 12.86 12.57
CA PRO B 250 -19.38 13.61 13.85
C PRO B 250 -17.98 14.15 14.15
N PHE B 251 -16.96 13.32 13.92
CA PHE B 251 -15.56 13.69 14.15
C PHE B 251 -14.78 13.97 12.86
N HIS B 252 -14.76 12.99 11.95
CA HIS B 252 -13.86 13.05 10.78
C HIS B 252 -14.47 13.84 9.63
N ASN B 253 -14.56 15.15 9.89
CA ASN B 253 -15.26 16.09 9.03
C ASN B 253 -14.34 17.28 8.77
N PHE B 254 -14.85 18.26 8.01
CA PHE B 254 -14.01 19.36 7.54
C PHE B 254 -13.39 20.19 8.66
N ARG B 255 -14.09 20.32 9.78
CA ARG B 255 -13.55 21.06 10.91
C ARG B 255 -12.29 20.37 11.47
N HIS B 256 -12.31 19.04 11.60
CA HIS B 256 -11.10 18.29 11.94
C HIS B 256 -10.00 18.61 10.93
N CYS B 257 -10.35 18.54 9.64
CA CYS B 257 -9.41 18.90 8.59
C CYS B 257 -8.79 20.23 8.94
N PHE B 258 -9.67 21.19 9.23
CA PHE B 258 -9.22 22.53 9.58
C PHE B 258 -8.30 22.54 10.79
N CYS B 259 -8.73 21.95 11.90
CA CYS B 259 -7.92 21.91 13.12
C CYS B 259 -6.48 21.47 12.86
N VAL B 260 -6.33 20.41 12.08
CA VAL B 260 -5.02 19.81 11.85
C VAL B 260 -4.10 20.73 11.05
N ALA B 261 -4.65 21.34 10.00
CA ALA B 261 -3.90 22.29 9.17
C ALA B 261 -3.56 23.54 9.98
N GLN B 262 -4.53 23.96 10.78
CA GLN B 262 -4.39 25.14 11.62
C GLN B 262 -3.33 24.88 12.68
N MET B 263 -3.28 23.66 13.20
CA MET B 263 -2.29 23.33 14.22
C MET B 263 -0.91 23.22 13.61
N MET B 264 -0.84 22.69 12.40
CA MET B 264 0.43 22.67 11.65
C MET B 264 0.91 24.10 11.40
N TYR B 265 0.00 24.96 10.96
CA TYR B 265 0.26 26.39 10.86
C TYR B 265 0.84 26.88 12.17
N SER B 266 0.11 26.65 13.26
CA SER B 266 0.51 27.13 14.60
C SER B 266 1.93 26.72 14.95
N MET B 267 2.31 25.52 14.55
CA MET B 267 3.61 24.98 14.88
C MET B 267 4.71 25.44 13.92
N VAL B 268 4.34 25.75 12.68
CA VAL B 268 5.30 26.36 11.78
C VAL B 268 5.93 27.59 12.45
N TRP B 269 5.06 28.38 13.09
CA TRP B 269 5.49 29.61 13.75
C TRP B 269 6.12 29.32 15.11
N LEU B 270 5.46 28.51 15.92
CA LEU B 270 5.98 28.15 17.24
C LEU B 270 7.38 27.50 17.16
N CYS B 271 7.57 26.59 16.21
CA CYS B 271 8.82 25.87 16.12
C CYS B 271 9.78 26.47 15.10
N SER B 272 9.50 27.69 14.66
CA SER B 272 10.36 28.39 13.68
C SER B 272 10.67 27.46 12.51
N LEU B 273 9.69 26.69 12.10
CA LEU B 273 9.95 25.59 11.18
C LEU B 273 10.52 26.04 9.85
N GLN B 274 10.16 27.25 9.42
CA GLN B 274 10.59 27.75 8.12
C GLN B 274 12.13 27.90 8.05
N GLU B 275 12.77 27.99 9.22
CA GLU B 275 14.22 27.89 9.32
C GLU B 275 14.70 26.49 9.03
N LYS B 276 14.15 25.52 9.75
CA LYS B 276 14.62 24.13 9.70
C LYS B 276 14.23 23.37 8.45
N PHE B 277 13.14 23.78 7.80
CA PHE B 277 12.59 23.08 6.62
C PHE B 277 12.61 23.90 5.32
N SER B 278 12.75 23.20 4.20
CA SER B 278 12.65 23.84 2.89
C SER B 278 11.20 24.21 2.66
N GLN B 279 10.96 25.15 1.76
CA GLN B 279 9.60 25.58 1.47
C GLN B 279 8.78 24.44 0.89
N THR B 280 9.44 23.51 0.20
CA THR B 280 8.77 22.34 -0.33
C THR B 280 8.18 21.49 0.80
N ASP B 281 9.01 21.16 1.79
CA ASP B 281 8.54 20.42 2.98
C ASP B 281 7.38 21.12 3.70
N ILE B 282 7.45 22.44 3.82
CA ILE B 282 6.36 23.18 4.42
C ILE B 282 5.09 22.96 3.60
N LEU B 283 5.19 23.12 2.29
CA LEU B 283 4.06 22.84 1.39
C LEU B 283 3.51 21.42 1.63
N ILE B 284 4.40 20.45 1.76
CA ILE B 284 4.01 19.06 2.01
C ILE B 284 3.25 18.94 3.32
N LEU B 285 3.81 19.50 4.39
CA LEU B 285 3.15 19.43 5.69
C LEU B 285 1.74 20.02 5.63
N MET B 286 1.62 21.23 5.13
CA MET B 286 0.33 21.90 5.05
C MET B 286 -0.65 21.12 4.18
N THR B 287 -0.25 20.86 2.95
CA THR B 287 -1.12 20.18 2.01
C THR B 287 -1.51 18.81 2.56
N ALA B 288 -0.55 18.13 3.20
CA ALA B 288 -0.80 16.81 3.81
C ALA B 288 -1.87 16.90 4.89
N ALA B 289 -1.66 17.80 5.84
CA ALA B 289 -2.64 18.06 6.90
C ALA B 289 -4.06 18.22 6.34
N ILE B 290 -4.20 19.11 5.37
CA ILE B 290 -5.50 19.42 4.75
C ILE B 290 -6.17 18.19 4.15
N CYS B 291 -5.39 17.40 3.43
CA CYS B 291 -5.92 16.25 2.70
C CYS B 291 -6.00 14.96 3.51
N HIS B 292 -5.41 14.94 4.70
CA HIS B 292 -5.12 13.68 5.38
C HIS B 292 -6.31 12.76 5.73
N ASP B 293 -7.53 13.29 5.80
CA ASP B 293 -8.71 12.47 6.15
C ASP B 293 -9.84 12.56 5.12
N LEU B 294 -9.46 12.76 3.86
CA LEU B 294 -10.41 12.98 2.78
C LEU B 294 -11.39 11.82 2.61
N ASP B 295 -12.66 12.16 2.44
CA ASP B 295 -13.71 11.17 2.20
C ASP B 295 -13.67 10.01 3.20
N HIS B 296 -13.37 10.34 4.45
CA HIS B 296 -13.38 9.37 5.52
C HIS B 296 -14.83 9.03 5.82
N PRO B 297 -15.18 7.75 5.81
CA PRO B 297 -16.58 7.36 5.87
C PRO B 297 -17.23 7.30 7.28
N GLY B 298 -16.40 7.26 8.32
CA GLY B 298 -16.85 7.31 9.72
C GLY B 298 -16.46 6.11 10.58
N TYR B 299 -15.81 5.11 9.95
CA TYR B 299 -15.46 3.84 10.60
C TYR B 299 -14.02 3.49 10.27
N ASN B 300 -13.24 3.17 11.30
CA ASN B 300 -11.78 2.98 11.16
C ASN B 300 -11.42 1.72 10.39
N ASN B 301 -10.13 1.54 10.15
CA ASN B 301 -9.62 0.41 9.38
C ASN B 301 -9.98 -0.95 9.98
N THR B 302 -10.21 -0.99 11.29
CA THR B 302 -10.59 -2.24 11.92
C THR B 302 -11.99 -2.65 11.50
N TYR B 303 -12.88 -1.68 11.30
CA TYR B 303 -14.17 -2.01 10.69
C TYR B 303 -13.94 -2.40 9.23
N GLN B 304 -13.35 -1.50 8.44
CA GLN B 304 -13.10 -1.78 7.02
C GLN B 304 -12.59 -3.23 6.81
N ILE B 305 -11.59 -3.63 7.59
CA ILE B 305 -10.98 -4.96 7.45
C ILE B 305 -11.90 -6.08 7.88
N ASN B 306 -12.38 -6.00 9.11
CA ASN B 306 -13.26 -7.03 9.67
C ASN B 306 -14.58 -7.20 8.92
N ALA B 307 -15.12 -6.11 8.39
CA ALA B 307 -16.33 -6.16 7.56
C ALA B 307 -16.03 -6.42 6.09
N ARG B 308 -14.74 -6.48 5.74
CA ARG B 308 -14.33 -6.81 4.37
C ARG B 308 -14.99 -5.84 3.39
N THR B 309 -14.84 -4.55 3.69
CA THR B 309 -15.44 -3.52 2.88
C THR B 309 -14.71 -3.40 1.54
N GLU B 310 -15.35 -2.72 0.59
CA GLU B 310 -14.77 -2.52 -0.72
C GLU B 310 -13.35 -1.99 -0.59
N LEU B 311 -13.19 -1.01 0.30
CA LEU B 311 -11.89 -0.38 0.57
C LEU B 311 -10.84 -1.32 1.14
N ALA B 312 -11.26 -2.22 2.01
CA ALA B 312 -10.34 -3.20 2.62
C ALA B 312 -9.89 -4.21 1.58
N VAL B 313 -10.85 -4.70 0.79
CA VAL B 313 -10.59 -5.59 -0.34
C VAL B 313 -9.74 -4.91 -1.41
N ARG B 314 -9.94 -3.61 -1.59
CA ARG B 314 -9.23 -2.86 -2.60
C ARG B 314 -7.77 -2.63 -2.22
N TYR B 315 -7.55 -2.19 -0.98
CA TYR B 315 -6.18 -1.90 -0.51
C TYR B 315 -5.50 -3.06 0.22
N ASN B 316 -6.16 -4.22 0.25
CA ASN B 316 -5.60 -5.45 0.78
C ASN B 316 -5.24 -5.38 2.27
N ASP B 317 -6.11 -4.72 3.02
CA ASP B 317 -5.99 -4.60 4.49
C ASP B 317 -4.80 -3.75 4.96
N ILE B 318 -4.10 -3.11 4.02
CA ILE B 318 -2.99 -2.24 4.34
C ILE B 318 -3.53 -0.80 4.43
N SER B 319 -3.49 -0.22 5.63
CA SER B 319 -4.00 1.13 5.89
C SER B 319 -5.03 1.61 4.87
N PRO B 320 -6.13 0.88 4.68
CA PRO B 320 -7.05 1.18 3.59
C PRO B 320 -7.61 2.61 3.59
N LEU B 321 -7.93 3.15 4.76
CA LEU B 321 -8.44 4.51 4.87
C LEU B 321 -7.38 5.50 4.45
N GLU B 322 -6.19 5.37 5.00
CA GLU B 322 -5.14 6.36 4.73
C GLU B 322 -4.76 6.30 3.26
N ASN B 323 -4.65 5.10 2.72
CA ASN B 323 -4.43 4.91 1.29
C ASN B 323 -5.52 5.58 0.52
N HIS B 324 -6.75 5.47 1.02
CA HIS B 324 -7.89 6.07 0.35
C HIS B 324 -7.85 7.61 0.35
N HIS B 325 -7.57 8.19 1.52
CA HIS B 325 -7.45 9.64 1.64
C HIS B 325 -6.45 10.16 0.64
N CYS B 326 -5.30 9.51 0.63
CA CYS B 326 -4.21 9.86 -0.27
C CYS B 326 -4.68 9.83 -1.74
N ALA B 327 -5.36 8.76 -2.12
CA ALA B 327 -5.89 8.62 -3.47
C ALA B 327 -6.80 9.80 -3.81
N VAL B 328 -7.84 9.98 -3.01
CA VAL B 328 -8.78 11.10 -3.17
C VAL B 328 -8.05 12.42 -3.35
N ALA B 329 -7.09 12.68 -2.47
CA ALA B 329 -6.33 13.93 -2.50
C ALA B 329 -5.72 14.24 -3.86
N PHE B 330 -5.22 13.21 -4.54
CA PHE B 330 -4.55 13.38 -5.82
C PHE B 330 -5.47 13.27 -7.01
N GLN B 331 -6.62 12.64 -6.83
CA GLN B 331 -7.69 12.68 -7.83
C GLN B 331 -8.05 14.14 -8.02
N ILE B 332 -8.20 14.84 -6.90
CA ILE B 332 -8.57 16.25 -6.91
C ILE B 332 -7.49 17.05 -7.63
N LEU B 333 -6.24 16.86 -7.24
CA LEU B 333 -5.15 17.64 -7.82
C LEU B 333 -4.87 17.29 -9.28
N ALA B 334 -5.46 16.19 -9.76
CA ALA B 334 -5.36 15.80 -11.15
C ALA B 334 -6.30 16.59 -12.04
N GLU B 335 -7.36 17.13 -11.45
CA GLU B 335 -8.21 18.09 -12.13
C GLU B 335 -7.38 19.33 -12.45
N PRO B 336 -7.45 19.85 -13.69
CA PRO B 336 -6.67 21.07 -13.95
C PRO B 336 -7.10 22.25 -13.08
N GLU B 337 -8.42 22.41 -12.91
CA GLU B 337 -8.98 23.56 -12.19
C GLU B 337 -8.67 23.57 -10.70
N CYS B 338 -8.41 22.41 -10.11
CA CYS B 338 -8.11 22.33 -8.68
C CYS B 338 -6.61 22.15 -8.42
N ASN B 339 -5.84 22.00 -9.48
CA ASN B 339 -4.44 21.66 -9.34
C ASN B 339 -3.60 22.85 -8.90
N ILE B 340 -3.46 23.00 -7.59
CA ILE B 340 -2.59 24.04 -7.05
C ILE B 340 -1.12 23.87 -7.45
N PHE B 341 -0.72 22.68 -7.90
CA PHE B 341 0.67 22.48 -8.30
C PHE B 341 0.92 22.69 -9.78
N SER B 342 -0.10 23.15 -10.52
CA SER B 342 -0.07 23.18 -11.99
C SER B 342 1.18 23.86 -12.59
N ASN B 343 1.75 24.83 -11.88
CA ASN B 343 2.98 25.50 -12.32
C ASN B 343 4.24 25.07 -11.56
N ILE B 344 4.28 23.83 -11.10
CA ILE B 344 5.47 23.28 -10.48
C ILE B 344 6.13 22.42 -11.54
N PRO B 345 7.48 22.33 -11.55
CA PRO B 345 8.09 21.33 -12.45
C PRO B 345 7.65 19.88 -12.14
N PRO B 346 8.02 18.92 -13.00
CA PRO B 346 7.61 17.56 -12.73
C PRO B 346 8.44 16.92 -11.62
N ASP B 347 9.75 17.16 -11.60
CA ASP B 347 10.63 16.67 -10.52
C ASP B 347 10.19 17.09 -9.13
N GLY B 348 9.71 18.33 -9.02
CA GLY B 348 9.17 18.84 -7.76
C GLY B 348 7.88 18.15 -7.37
N PHE B 349 6.93 18.08 -8.29
CA PHE B 349 5.65 17.41 -8.04
C PHE B 349 5.85 15.97 -7.60
N LYS B 350 6.76 15.27 -8.27
CA LYS B 350 7.12 13.91 -7.89
C LYS B 350 7.47 13.88 -6.41
N GLN B 351 8.41 14.74 -6.03
CA GLN B 351 8.93 14.79 -4.66
C GLN B 351 7.86 15.20 -3.62
N ILE B 352 6.96 16.09 -4.01
CA ILE B 352 5.86 16.49 -3.15
C ILE B 352 4.89 15.34 -2.97
N ARG B 353 4.49 14.71 -4.07
CA ARG B 353 3.57 13.55 -4.01
C ARG B 353 4.11 12.48 -3.07
N GLN B 354 5.38 12.13 -3.25
CA GLN B 354 6.01 11.09 -2.42
C GLN B 354 5.94 11.45 -0.94
N GLY B 355 6.16 12.72 -0.62
CA GLY B 355 6.11 13.20 0.76
C GLY B 355 4.73 13.20 1.39
N MET B 356 3.72 13.62 0.64
CA MET B 356 2.35 13.69 1.17
C MET B 356 1.86 12.28 1.47
N ILE B 357 2.13 11.40 0.52
CA ILE B 357 1.80 10.01 0.63
C ILE B 357 2.36 9.44 1.92
N THR B 358 3.66 9.64 2.12
CA THR B 358 4.33 9.18 3.32
C THR B 358 3.60 9.66 4.55
N LEU B 359 3.35 10.96 4.63
CA LEU B 359 2.80 11.58 5.83
C LEU B 359 1.37 11.13 6.11
N ILE B 360 0.50 11.20 5.10
CA ILE B 360 -0.87 10.76 5.24
C ILE B 360 -0.93 9.31 5.74
N LEU B 361 -0.20 8.43 5.08
CA LEU B 361 -0.13 7.04 5.50
C LEU B 361 0.32 6.89 6.96
N ALA B 362 1.19 7.81 7.40
CA ALA B 362 1.70 7.82 8.78
C ALA B 362 0.63 8.12 9.83
N THR B 363 -0.44 8.80 9.43
CA THR B 363 -1.54 9.07 10.36
C THR B 363 -2.20 7.79 10.93
N ASP B 364 -2.06 6.67 10.23
CA ASP B 364 -2.62 5.42 10.73
C ASP B 364 -2.11 5.17 12.13
N MET B 365 -3.03 4.94 13.04
CA MET B 365 -2.69 4.75 14.45
C MET B 365 -2.11 3.36 14.75
N ALA B 366 -2.41 2.38 13.91
CA ALA B 366 -1.79 1.08 14.06
C ALA B 366 -0.27 1.22 14.03
N ARG B 367 0.22 2.23 13.29
CA ARG B 367 1.65 2.47 13.15
C ARG B 367 2.22 3.47 14.17
N HIS B 368 1.50 3.76 15.24
CA HIS B 368 1.99 4.77 16.17
C HIS B 368 3.22 4.26 16.89
N ALA B 369 3.06 3.11 17.52
CA ALA B 369 4.14 2.44 18.21
C ALA B 369 5.42 2.45 17.36
N GLU B 370 5.28 1.88 16.15
CA GLU B 370 6.37 1.74 15.18
C GLU B 370 7.06 3.08 14.88
N ILE B 371 6.27 4.10 14.56
CA ILE B 371 6.82 5.40 14.13
C ILE B 371 7.44 6.13 15.30
N MET B 372 6.80 6.08 16.46
CA MET B 372 7.40 6.68 17.64
C MET B 372 8.77 6.08 17.95
N ASP B 373 8.91 4.76 17.83
CA ASP B 373 10.19 4.11 18.09
C ASP B 373 11.26 4.56 17.10
N SER B 374 10.94 4.56 15.80
CA SER B 374 11.89 5.00 14.77
C SER B 374 12.32 6.43 15.08
N PHE B 375 11.37 7.28 15.46
CA PHE B 375 11.69 8.65 15.78
C PHE B 375 12.58 8.72 17.00
N LYS B 376 12.21 8.00 18.05
CA LYS B 376 12.96 8.02 19.29
C LYS B 376 14.40 7.49 19.12
N GLU B 377 14.61 6.61 18.14
CA GLU B 377 15.95 6.13 17.81
C GLU B 377 16.82 7.19 17.13
N LYS B 378 16.24 8.02 16.27
CA LYS B 378 16.99 9.11 15.64
C LYS B 378 17.29 10.21 16.64
N MET B 379 16.46 10.32 17.67
CA MET B 379 16.61 11.38 18.67
C MET B 379 17.77 11.14 19.63
N GLU B 380 18.23 9.89 19.72
CA GLU B 380 19.51 9.60 20.36
C GLU B 380 20.55 10.60 19.86
N ASN B 381 20.60 10.78 18.55
CA ASN B 381 21.53 11.70 17.94
C ASN B 381 20.95 12.35 16.67
N PHE B 382 19.98 13.25 16.86
CA PHE B 382 19.24 13.83 15.72
C PHE B 382 20.16 14.61 14.78
N ASP B 383 19.74 14.75 13.53
CA ASP B 383 20.56 15.36 12.49
C ASP B 383 19.64 15.98 11.43
N TYR B 384 19.45 17.29 11.51
CA TYR B 384 18.63 17.99 10.52
C TYR B 384 19.17 17.85 9.07
N SER B 385 20.44 17.48 8.91
CA SER B 385 21.02 17.20 7.58
C SER B 385 20.37 15.98 6.94
N ASN B 386 20.13 14.97 7.79
CA ASN B 386 19.73 13.65 7.35
C ASN B 386 18.27 13.58 6.90
N GLU B 387 18.07 13.29 5.62
CA GLU B 387 16.74 13.26 5.02
C GLU B 387 15.77 12.30 5.73
N GLU B 388 16.29 11.20 6.28
CA GLU B 388 15.44 10.20 6.94
C GLU B 388 15.06 10.58 8.36
N HIS B 389 15.94 11.32 9.03
CA HIS B 389 15.61 11.91 10.31
C HIS B 389 14.48 12.93 10.12
N MET B 390 14.55 13.68 9.01
CA MET B 390 13.57 14.72 8.72
C MET B 390 12.24 14.13 8.31
N THR B 391 12.27 13.06 7.53
CA THR B 391 11.04 12.39 7.11
C THR B 391 10.26 11.94 8.33
N LEU B 392 10.95 11.34 9.29
CA LEU B 392 10.32 10.97 10.55
C LEU B 392 9.77 12.18 11.26
N LEU B 393 10.60 13.21 11.41
CA LEU B 393 10.14 14.44 12.05
C LEU B 393 8.82 14.94 11.47
N LYS B 394 8.69 14.93 10.14
CA LYS B 394 7.45 15.37 9.50
C LYS B 394 6.32 14.43 9.84
N MET B 395 6.60 13.14 9.80
CA MET B 395 5.61 12.15 10.15
C MET B 395 5.11 12.40 11.58
N ILE B 396 6.05 12.59 12.49
CA ILE B 396 5.71 12.94 13.87
C ILE B 396 4.88 14.22 13.96
N LEU B 397 5.25 15.23 13.20
CA LEU B 397 4.54 16.49 13.29
C LEU B 397 3.09 16.36 12.88
N ILE B 398 2.85 15.71 11.75
CA ILE B 398 1.49 15.57 11.27
C ILE B 398 0.65 14.69 12.21
N LYS B 399 1.25 13.68 12.82
CA LYS B 399 0.58 12.91 13.86
C LYS B 399 0.26 13.77 15.08
N CYS B 400 1.20 14.64 15.45
CA CYS B 400 0.98 15.57 16.54
C CYS B 400 -0.21 16.44 16.26
N CYS B 401 -0.32 16.93 15.02
CA CYS B 401 -1.44 17.78 14.64
C CYS B 401 -2.75 16.99 14.52
N ASP B 402 -2.68 15.74 14.06
CA ASP B 402 -3.86 14.91 13.81
C ASP B 402 -4.65 14.63 15.08
N ILE B 403 -3.96 14.50 16.19
CA ILE B 403 -4.59 14.10 17.45
C ILE B 403 -4.51 15.23 18.51
N SER B 404 -4.26 16.45 18.05
CA SER B 404 -3.91 17.55 18.93
C SER B 404 -5.07 18.20 19.71
N ASN B 405 -6.30 17.67 19.60
CA ASN B 405 -7.46 18.33 20.22
C ASN B 405 -7.16 18.80 21.62
N GLU B 406 -6.66 17.90 22.46
CA GLU B 406 -6.47 18.21 23.88
C GLU B 406 -5.36 19.22 24.21
N VAL B 407 -4.53 19.58 23.23
CA VAL B 407 -3.58 20.68 23.41
C VAL B 407 -4.31 22.01 23.42
N ARG B 408 -5.41 22.09 22.69
CA ARG B 408 -6.24 23.29 22.65
C ARG B 408 -6.93 23.54 23.99
N PRO B 409 -7.21 24.81 24.30
CA PRO B 409 -7.90 25.20 25.52
C PRO B 409 -9.12 24.34 25.83
N MET B 410 -9.36 24.13 27.11
CA MET B 410 -10.43 23.24 27.59
C MET B 410 -11.75 23.49 26.88
N GLU B 411 -12.15 24.75 26.79
CA GLU B 411 -13.41 25.10 26.12
C GLU B 411 -13.48 24.64 24.66
N VAL B 412 -12.37 24.78 23.93
CA VAL B 412 -12.32 24.37 22.52
C VAL B 412 -12.26 22.84 22.35
N ALA B 413 -11.57 22.16 23.26
CA ALA B 413 -11.28 20.73 23.14
C ALA B 413 -12.32 19.79 23.76
N GLU B 414 -13.14 20.29 24.68
CA GLU B 414 -14.13 19.47 25.39
C GLU B 414 -15.23 18.86 24.51
N PRO B 415 -15.77 19.64 23.55
CA PRO B 415 -16.80 19.08 22.68
C PRO B 415 -16.27 18.03 21.69
N TRP B 416 -15.04 18.19 21.22
CA TRP B 416 -14.45 17.20 20.31
C TRP B 416 -14.55 15.78 20.87
N VAL B 417 -14.38 15.64 22.18
CA VAL B 417 -14.57 14.33 22.79
C VAL B 417 -15.95 13.77 22.50
N ASP B 418 -16.98 14.60 22.58
CA ASP B 418 -18.35 14.15 22.32
C ASP B 418 -18.50 13.83 20.82
N CYS B 419 -17.79 14.56 19.95
CA CYS B 419 -17.73 14.26 18.50
C CYS B 419 -17.04 12.93 18.21
N LEU B 420 -15.95 12.68 18.91
CA LEU B 420 -15.20 11.45 18.73
C LEU B 420 -16.05 10.29 19.16
N LEU B 421 -16.51 10.34 20.41
CA LEU B 421 -17.31 9.26 20.95
C LEU B 421 -18.60 9.05 20.19
N GLU B 422 -19.18 10.12 19.64
CA GLU B 422 -20.38 9.98 18.81
C GLU B 422 -20.09 9.09 17.60
N GLU B 423 -18.95 9.32 16.96
CA GLU B 423 -18.53 8.50 15.81
C GLU B 423 -18.09 7.09 16.22
N TYR B 424 -17.19 7.01 17.20
CA TYR B 424 -16.74 5.73 17.73
C TYR B 424 -17.90 4.86 18.20
N PHE B 425 -18.97 5.47 18.72
CA PHE B 425 -20.15 4.70 19.14
C PHE B 425 -20.97 4.26 17.94
N MET B 426 -21.01 5.08 16.89
CA MET B 426 -21.68 4.70 15.65
C MET B 426 -21.12 3.38 15.16
N GLN B 427 -19.79 3.32 15.05
CA GLN B 427 -19.10 2.12 14.61
C GLN B 427 -19.30 0.90 15.51
N SER B 428 -19.22 1.08 16.83
CA SER B 428 -19.35 -0.05 17.76
C SER B 428 -20.76 -0.67 17.75
N ASP B 429 -21.78 0.15 17.54
CA ASP B 429 -23.15 -0.31 17.38
C ASP B 429 -23.27 -1.14 16.11
N ARG B 430 -22.86 -0.56 14.99
CA ARG B 430 -22.79 -1.30 13.73
C ARG B 430 -22.03 -2.62 13.88
N GLU B 431 -20.84 -2.58 14.49
CA GLU B 431 -20.03 -3.79 14.74
C GLU B 431 -20.80 -4.85 15.54
N LYS B 432 -21.42 -4.42 16.63
CA LYS B 432 -22.25 -5.31 17.44
C LYS B 432 -23.35 -5.88 16.54
N SER B 433 -24.09 -4.98 15.90
CA SER B 433 -25.27 -5.33 15.08
C SER B 433 -24.98 -6.19 13.84
N GLU B 434 -23.72 -6.24 13.40
CA GLU B 434 -23.30 -7.09 12.28
C GLU B 434 -22.43 -8.27 12.74
N GLY B 435 -22.43 -8.57 14.03
CA GLY B 435 -21.72 -9.71 14.58
C GLY B 435 -20.20 -9.63 14.49
N LEU B 436 -19.66 -8.41 14.44
CA LEU B 436 -18.21 -8.21 14.30
C LEU B 436 -17.57 -7.87 15.64
N PRO B 437 -16.26 -8.16 15.80
CA PRO B 437 -15.61 -7.80 17.05
C PRO B 437 -15.69 -6.30 17.34
N VAL B 438 -15.67 -5.98 18.64
CA VAL B 438 -15.94 -4.65 19.18
C VAL B 438 -14.82 -4.27 20.16
N ALA B 439 -14.18 -3.14 19.91
CA ALA B 439 -13.07 -2.68 20.75
C ALA B 439 -13.59 -2.09 22.06
N PRO B 440 -13.11 -2.60 23.20
CA PRO B 440 -13.56 -2.05 24.49
C PRO B 440 -13.50 -0.52 24.56
N PHE B 441 -12.47 0.07 23.98
CA PHE B 441 -12.32 1.53 24.03
C PHE B 441 -13.29 2.29 23.12
N MET B 442 -14.22 1.59 22.47
CA MET B 442 -15.27 2.24 21.67
C MET B 442 -16.66 1.74 22.07
N ASP B 443 -16.72 1.03 23.19
CA ASP B 443 -17.93 0.34 23.65
C ASP B 443 -18.84 1.33 24.35
N ARG B 444 -20.03 1.54 23.78
CA ARG B 444 -21.03 2.45 24.37
C ARG B 444 -21.22 2.21 25.88
N ASP B 445 -21.19 0.94 26.28
CA ASP B 445 -21.49 0.54 27.66
C ASP B 445 -20.33 0.70 28.63
N LYS B 446 -19.11 0.92 28.12
CA LYS B 446 -17.92 1.03 28.98
C LYS B 446 -17.31 2.43 29.03
N VAL B 447 -17.17 3.05 27.87
CA VAL B 447 -16.39 4.27 27.78
C VAL B 447 -17.17 5.46 28.34
N THR B 448 -16.47 6.27 29.12
CA THR B 448 -16.99 7.52 29.67
C THR B 448 -16.08 8.63 29.17
N LYS B 449 -16.60 9.85 29.08
CA LYS B 449 -15.80 10.96 28.58
C LYS B 449 -14.37 10.97 29.13
N ALA B 450 -14.24 10.70 30.43
CA ALA B 450 -12.93 10.69 31.10
C ALA B 450 -12.05 9.50 30.72
N THR B 451 -12.61 8.29 30.73
CA THR B 451 -11.80 7.10 30.43
C THR B 451 -11.32 7.08 28.98
N ALA B 452 -12.03 7.77 28.09
CA ALA B 452 -11.57 7.99 26.72
C ALA B 452 -10.25 8.77 26.71
N GLN B 453 -10.17 9.86 27.47
CA GLN B 453 -9.06 10.78 27.36
C GLN B 453 -7.84 10.52 28.26
N ILE B 454 -8.03 9.97 29.46
CA ILE B 454 -6.90 9.87 30.42
C ILE B 454 -5.75 9.07 29.82
N GLY B 455 -6.01 7.79 29.55
CA GLY B 455 -5.02 6.91 28.97
C GLY B 455 -4.46 7.46 27.66
N PHE B 456 -5.35 7.93 26.80
CA PHE B 456 -4.91 8.53 25.55
C PHE B 456 -3.97 9.71 25.74
N ILE B 457 -4.23 10.53 26.76
CA ILE B 457 -3.39 11.70 27.02
C ILE B 457 -2.08 11.29 27.67
N LYS B 458 -2.18 10.54 28.77
CA LYS B 458 -1.01 10.14 29.54
C LYS B 458 0.02 9.35 28.72
N PHE B 459 -0.45 8.47 27.86
CA PHE B 459 0.42 7.47 27.24
C PHE B 459 0.58 7.59 25.73
N VAL B 460 -0.25 8.37 25.06
CA VAL B 460 -0.04 8.58 23.64
C VAL B 460 0.39 10.02 23.41
N LEU B 461 -0.42 10.96 23.85
CA LEU B 461 -0.14 12.37 23.62
C LEU B 461 1.13 12.89 24.32
N ILE B 462 1.17 12.81 25.64
CA ILE B 462 2.26 13.43 26.40
C ILE B 462 3.62 12.91 25.95
N PRO B 463 3.83 11.57 25.95
CA PRO B 463 5.14 11.03 25.56
C PRO B 463 5.60 11.49 24.17
N MET B 464 4.65 11.64 23.26
CA MET B 464 4.93 12.12 21.91
C MET B 464 5.46 13.53 21.95
N PHE B 465 4.67 14.45 22.52
CA PHE B 465 5.10 15.84 22.61
C PHE B 465 6.33 16.01 23.49
N GLU B 466 6.51 15.13 24.46
CA GLU B 466 7.74 15.14 25.27
C GLU B 466 8.97 15.04 24.39
N THR B 467 8.95 14.13 23.41
CA THR B 467 10.06 13.96 22.49
C THR B 467 10.21 15.17 21.58
N VAL B 468 9.11 15.69 21.07
CA VAL B 468 9.17 16.85 20.19
C VAL B 468 9.77 18.03 20.94
N THR B 469 9.49 18.13 22.24
CA THR B 469 10.01 19.22 23.06
C THR B 469 11.53 19.21 23.11
N LYS B 470 12.15 18.03 23.06
CA LYS B 470 13.61 17.97 23.02
C LYS B 470 14.18 18.71 21.81
N LEU B 471 13.60 18.51 20.63
CA LEU B 471 13.99 19.31 19.47
C LEU B 471 13.55 20.75 19.57
N PHE B 472 12.42 21.00 20.22
CA PHE B 472 11.84 22.34 20.29
C PHE B 472 11.36 22.68 21.71
N PRO B 473 12.27 23.18 22.58
CA PRO B 473 11.92 23.43 23.99
C PRO B 473 10.65 24.28 24.23
N MET B 474 10.39 25.23 23.34
CA MET B 474 9.22 26.13 23.43
C MET B 474 7.87 25.41 23.44
N VAL B 475 7.87 24.16 23.00
CA VAL B 475 6.65 23.34 22.92
C VAL B 475 6.16 22.94 24.29
N GLU B 476 7.08 22.78 25.26
CA GLU B 476 6.69 22.40 26.62
C GLU B 476 5.59 23.32 27.15
N GLU B 477 5.85 24.62 27.07
CA GLU B 477 5.02 25.58 27.76
C GLU B 477 3.68 25.84 27.04
N ILE B 478 3.66 25.65 25.73
CA ILE B 478 2.44 25.90 24.95
C ILE B 478 1.54 24.66 24.85
N MET B 479 2.15 23.47 24.86
CA MET B 479 1.48 22.23 24.44
C MET B 479 1.44 21.14 25.49
N LEU B 480 2.58 20.81 26.10
CA LEU B 480 2.56 19.90 27.24
C LEU B 480 1.74 20.52 28.38
N GLN B 481 1.97 21.80 28.62
CA GLN B 481 1.20 22.55 29.62
C GLN B 481 -0.31 22.21 29.58
N PRO B 482 -1.03 22.56 28.49
CA PRO B 482 -2.47 22.27 28.51
C PRO B 482 -2.78 20.80 28.68
N LEU B 483 -1.89 19.95 28.17
CA LEU B 483 -2.11 18.51 28.25
C LEU B 483 -2.02 18.00 29.68
N TRP B 484 -1.07 18.49 30.45
CA TRP B 484 -0.98 18.09 31.85
C TRP B 484 -2.28 18.46 32.54
N GLU B 485 -2.69 19.72 32.38
CA GLU B 485 -3.94 20.20 32.96
C GLU B 485 -5.13 19.33 32.55
N SER B 486 -5.26 19.06 31.25
CA SER B 486 -6.33 18.21 30.73
C SER B 486 -6.27 16.79 31.32
N ARG B 487 -5.06 16.26 31.51
CA ARG B 487 -4.88 15.00 32.24
C ARG B 487 -5.46 15.09 33.64
N ASP B 488 -4.94 16.04 34.43
CA ASP B 488 -5.39 16.25 35.81
C ASP B 488 -6.89 16.41 35.89
N ARG B 489 -7.40 17.31 35.03
CA ARG B 489 -8.82 17.63 34.98
C ARG B 489 -9.69 16.38 34.78
N TYR B 490 -9.31 15.51 33.83
CA TYR B 490 -10.06 14.28 33.55
C TYR B 490 -9.84 13.21 34.63
N GLU B 491 -8.60 13.11 35.12
CA GLU B 491 -8.29 12.12 36.17
C GLU B 491 -9.17 12.31 37.40
N GLU B 492 -9.33 13.57 37.82
CA GLU B 492 -10.32 13.97 38.84
C GLU B 492 -11.76 13.63 38.42
N LEU B 493 -12.21 14.19 37.30
CA LEU B 493 -13.54 13.89 36.76
C LEU B 493 -13.88 12.38 36.77
N LYS B 494 -12.86 11.53 36.59
CA LYS B 494 -13.06 10.10 36.71
C LYS B 494 -13.25 9.68 38.16
N ARG B 495 -12.49 10.28 39.09
CA ARG B 495 -12.66 9.96 40.52
C ARG B 495 -14.10 10.20 40.94
N ILE B 496 -14.67 11.28 40.44
CA ILE B 496 -16.04 11.69 40.74
C ILE B 496 -17.09 10.79 40.10
N ASP B 497 -16.89 10.41 38.84
CA ASP B 497 -17.78 9.46 38.18
C ASP B 497 -17.82 8.14 38.94
N ASP B 498 -16.65 7.74 39.45
CA ASP B 498 -16.49 6.48 40.20
C ASP B 498 -17.06 6.60 41.61
N ALA B 499 -16.78 7.72 42.26
CA ALA B 499 -17.36 8.04 43.56
C ALA B 499 -18.89 7.98 43.50
N MET B 500 -19.45 8.44 42.39
CA MET B 500 -20.89 8.45 42.19
C MET B 500 -21.40 7.04 41.94
N LYS B 501 -20.75 6.30 41.05
CA LYS B 501 -21.10 4.88 40.84
C LYS B 501 -21.16 4.18 42.18
N GLU B 502 -20.03 4.16 42.88
CA GLU B 502 -19.91 3.53 44.18
C GLU B 502 -21.12 3.84 45.05
N LEU B 503 -21.51 5.12 45.08
CA LEU B 503 -22.66 5.56 45.89
C LEU B 503 -23.98 4.88 45.52
N GLN B 504 -24.15 4.55 44.24
CA GLN B 504 -25.43 4.05 43.74
C GLN B 504 -25.62 2.53 43.88
N LYS B 505 -24.76 1.87 44.65
CA LYS B 505 -25.10 0.59 45.25
C LYS B 505 -24.57 0.50 46.69
N LYS B 506 -24.21 1.64 47.25
CA LYS B 506 -23.65 1.78 48.61
C LYS B 506 -24.79 2.09 49.58
C2 49E C . 7.57 -8.87 -15.87
C3 49E C . 8.19 -9.51 -17.08
C4 49E C . 9.55 -9.74 -15.09
C5 49E C . 9.62 -9.81 -16.63
N8 49E C . 10.09 -11.14 -17.17
C11 49E C . 11.14 -11.29 -17.98
N13 49E C . 11.99 -10.40 -18.49
N9 49E C . 9.59 -12.23 -16.96
C10 49E C . 10.25 -13.17 -17.61
C12 49E C . 11.25 -12.58 -18.27
C16 49E C . 12.22 -13.06 -19.07
O17 49E C . 12.34 -14.26 -19.34
N15 49E C . 13.13 -12.14 -19.61
C14 49E C . 12.98 -10.79 -19.31
N18 49E C . 13.82 -9.90 -19.83
C19 49E C . 13.57 -8.45 -19.73
C20 49E C . 14.00 -7.75 -21.02
C24 49E C . 14.27 -7.98 -18.60
C29 49E C . 15.66 -8.16 -18.55
C28 49E C . 16.36 -7.73 -17.44
C27 49E C . 15.68 -7.15 -16.38
C26 49E C . 14.29 -6.98 -16.41
C25 49E C . 13.59 -7.40 -17.53
C1 49E C . 8.08 -9.78 -14.79
CL 49E C . 16.55 -6.65 -15.05
ZN ZN D . 3.78 -12.73 -13.80
MG MG E . 3.06 -9.47 -12.08
C2 49E F . -8.39 8.57 15.21
C3 49E F . -9.12 9.49 16.12
C4 49E F . -7.01 8.63 17.10
C5 49E F . -8.39 9.26 17.44
N8 49E F . -8.25 10.52 18.21
C11 49E F . -8.50 10.56 19.52
N13 49E F . -8.90 9.58 20.36
N9 49E F . -7.93 11.63 17.80
C10 49E F . -7.94 12.48 18.83
C12 49E F . -8.30 11.82 19.93
C16 49E F . -8.48 12.18 21.23
O17 49E F . -8.29 13.34 21.61
N15 49E F . -8.89 11.16 22.13
C14 49E F . -9.10 9.83 21.66
N18 49E F . -9.48 8.86 22.48
C19 49E F . -9.94 7.54 21.98
C20 49E F . -11.05 7.00 22.90
C24 49E F . -8.86 6.64 21.92
C29 49E F . -8.23 6.25 23.10
C28 49E F . -7.15 5.37 23.06
C27 49E F . -6.68 4.88 21.84
C26 49E F . -7.31 5.25 20.66
C25 49E F . -8.39 6.13 20.70
C1 49E F . -6.93 8.77 15.61
CL 49E F . -5.32 3.79 21.84
ZN ZN G . -7.30 12.73 11.35
MG MG H . -7.49 9.30 9.60
#